data_6QPS
#
_entry.id   6QPS
#
_cell.length_a   58.623
_cell.length_b   129.951
_cell.length_c   66.995
_cell.angle_alpha   90.00
_cell.angle_beta   113.90
_cell.angle_gamma   90.00
#
_symmetry.space_group_name_H-M   'P 1 21 1'
#
loop_
_entity.id
_entity.type
_entity.pdbx_description
1 polymer 'Polysaccharide Lyase Family 6'
2 non-polymer 'CALCIUM ION'
3 non-polymer 'ACETATE ION'
4 water water
#
_entity_poly.entity_id   1
_entity_poly.type   'polypeptide(L)'
_entity_poly.pdbx_seq_one_letter_code
;MGSSHHHHHHSSGLVPRGSHMKEYTFSPKDVPAMKQLLGSGNLQPGDAVVLKDGTYHNLKEINFTGKGVSGKPIVWRAEN
PGKAVISGKLRLKIYGEYLQLEDLLFYKAWAIGHDMIDFQGEKGVYASFCRMTRCVIDECNDPQKGERPNEGDEYWVGLR
GTNNRIDHCYFANKRVGGLVLQVWLSADNHLNNHLIDHNFFGERQPYGGNGAEIIRIGHSWSSQLESRTIVEDNVFFRCS
GENEIISVKSCHNVLRRNLFYESAGGLVCRHGHYNVIESNTFIGHNLRGTAGIRIINQGHTVYDNYIKDVRSFGLLVRVG
VYERPTAETDVKLEPLTSYHRVENVDIAYNTFLNSSLELGSGRGEKMPRNVRFAHNLFAGQTPDLKIVRADEVLPGFLFL
DNEWAFSDKKSLSSVSYEQVREGFKPVDMPDGLNQEEKERIDACIFTVGPTWHKALKENVNHIDTNR
;
_entity_poly.pdbx_strand_id   A,B
#
# COMPACT_ATOMS: atom_id res chain seq x y z
N MET A 21 -30.10 31.23 2.03
CA MET A 21 -28.78 31.34 1.43
C MET A 21 -28.67 32.60 0.57
N LYS A 22 -27.56 33.31 0.71
CA LYS A 22 -27.40 34.62 0.12
C LYS A 22 -26.15 34.66 -0.76
N GLU A 23 -26.25 35.38 -1.88
CA GLU A 23 -25.10 35.73 -2.69
C GLU A 23 -24.75 37.20 -2.47
N TYR A 24 -23.50 37.46 -2.12
CA TYR A 24 -22.99 38.81 -1.91
C TYR A 24 -22.00 39.08 -3.05
N THR A 25 -22.31 40.09 -3.87
N THR A 25 -22.32 40.06 -3.89
CA THR A 25 -21.55 40.35 -5.08
CA THR A 25 -21.55 40.33 -5.09
C THR A 25 -20.70 41.60 -4.91
C THR A 25 -20.70 41.59 -4.90
N PHE A 26 -19.48 41.54 -5.43
CA PHE A 26 -18.52 42.63 -5.32
C PHE A 26 -17.77 42.82 -6.62
N SER A 27 -17.28 44.04 -6.83
CA SER A 27 -16.43 44.41 -7.96
C SER A 27 -15.10 44.89 -7.42
N PRO A 28 -14.10 45.13 -8.28
CA PRO A 28 -12.78 45.58 -7.79
C PRO A 28 -12.81 46.82 -6.93
N LYS A 29 -13.73 47.76 -7.18
CA LYS A 29 -13.83 48.94 -6.34
C LYS A 29 -14.31 48.63 -4.92
N ASP A 30 -14.78 47.41 -4.66
CA ASP A 30 -15.38 47.06 -3.39
C ASP A 30 -14.46 46.18 -2.54
N VAL A 31 -13.16 46.17 -2.79
CA VAL A 31 -12.23 45.31 -2.05
C VAL A 31 -12.41 45.50 -0.56
N PRO A 32 -12.49 46.70 0.02
CA PRO A 32 -12.63 46.83 1.47
C PRO A 32 -13.84 46.07 2.02
N ALA A 33 -15.02 46.27 1.42
CA ALA A 33 -16.22 45.58 1.90
C ALA A 33 -16.12 44.08 1.68
N MET A 34 -15.47 43.66 0.60
N MET A 34 -15.45 43.66 0.61
CA MET A 34 -15.29 42.23 0.34
CA MET A 34 -15.30 42.23 0.33
C MET A 34 -14.45 41.59 1.44
C MET A 34 -14.42 41.57 1.39
N LYS A 35 -13.29 42.20 1.75
CA LYS A 35 -12.44 41.67 2.81
C LYS A 35 -13.17 41.64 4.15
N GLN A 36 -13.96 42.66 4.45
CA GLN A 36 -14.63 42.69 5.75
C GLN A 36 -15.61 41.54 5.89
N LEU A 37 -16.38 41.26 4.84
CA LEU A 37 -17.38 40.21 4.91
C LEU A 37 -16.71 38.84 5.00
N LEU A 38 -15.69 38.61 4.17
CA LEU A 38 -15.00 37.32 4.19
C LEU A 38 -14.37 37.05 5.55
N GLY A 39 -13.87 38.10 6.19
CA GLY A 39 -13.14 37.96 7.44
C GLY A 39 -13.97 38.12 8.69
N SER A 40 -15.28 38.38 8.55
CA SER A 40 -16.13 38.70 9.69
C SER A 40 -16.61 37.47 10.45
N GLY A 41 -16.66 36.31 9.82
CA GLY A 41 -17.30 35.17 10.44
C GLY A 41 -18.82 35.20 10.38
N ASN A 42 -19.40 36.20 9.71
CA ASN A 42 -20.85 36.35 9.64
C ASN A 42 -21.48 35.60 8.47
N LEU A 43 -20.69 35.11 7.52
CA LEU A 43 -21.25 34.29 6.46
C LEU A 43 -21.85 33.00 7.04
N GLN A 44 -22.96 32.57 6.43
CA GLN A 44 -23.68 31.39 6.87
C GLN A 44 -23.61 30.27 5.84
N PRO A 45 -23.88 29.02 6.24
CA PRO A 45 -23.79 27.89 5.30
C PRO A 45 -24.58 28.13 4.03
N GLY A 46 -23.94 27.85 2.90
CA GLY A 46 -24.57 28.05 1.62
C GLY A 46 -24.42 29.44 1.04
N ASP A 47 -23.95 30.41 1.82
CA ASP A 47 -23.75 31.75 1.27
C ASP A 47 -22.56 31.72 0.30
N ALA A 48 -22.54 32.71 -0.59
CA ALA A 48 -21.45 32.85 -1.55
C ALA A 48 -21.02 34.31 -1.61
N VAL A 49 -19.70 34.51 -1.66
CA VAL A 49 -19.08 35.80 -1.99
C VAL A 49 -18.63 35.69 -3.44
N VAL A 50 -19.20 36.53 -4.31
CA VAL A 50 -19.10 36.40 -5.76
C VAL A 50 -18.42 37.64 -6.33
N LEU A 51 -17.34 37.44 -7.08
CA LEU A 51 -16.55 38.53 -7.64
C LEU A 51 -16.87 38.71 -9.12
N LYS A 52 -17.36 39.89 -9.48
CA LYS A 52 -17.58 40.25 -10.88
C LYS A 52 -16.25 40.32 -11.63
N ASP A 53 -16.34 40.20 -12.95
CA ASP A 53 -15.16 40.21 -13.80
C ASP A 53 -14.29 41.43 -13.49
N GLY A 54 -13.00 41.21 -13.34
CA GLY A 54 -12.07 42.30 -13.13
C GLY A 54 -10.83 41.82 -12.40
N THR A 55 -9.92 42.76 -12.16
CA THR A 55 -8.68 42.49 -11.43
C THR A 55 -8.72 43.16 -10.06
N TYR A 56 -8.47 42.35 -9.03
CA TYR A 56 -8.54 42.75 -7.63
C TYR A 56 -7.10 42.86 -7.15
N HIS A 57 -6.63 44.10 -7.00
CA HIS A 57 -5.23 44.36 -6.71
C HIS A 57 -5.01 44.56 -5.21
N ASN A 58 -3.91 44.03 -4.71
CA ASN A 58 -3.38 44.36 -3.39
C ASN A 58 -4.43 44.15 -2.28
N LEU A 59 -4.94 42.92 -2.20
CA LEU A 59 -5.82 42.58 -1.10
C LEU A 59 -5.08 42.63 0.24
N LYS A 60 -3.77 42.41 0.22
CA LYS A 60 -2.95 42.49 1.43
C LYS A 60 -3.47 41.47 2.46
N GLU A 61 -3.58 41.84 3.74
CA GLU A 61 -3.99 40.89 4.75
C GLU A 61 -5.49 40.67 4.62
N ILE A 62 -5.88 39.44 4.32
CA ILE A 62 -7.28 39.08 4.13
C ILE A 62 -7.54 37.72 4.79
N ASN A 63 -8.63 37.65 5.54
CA ASN A 63 -9.05 36.43 6.22
C ASN A 63 -10.35 35.93 5.61
N PHE A 64 -10.47 34.61 5.49
CA PHE A 64 -11.71 33.94 5.07
C PHE A 64 -12.06 32.99 6.20
N THR A 65 -13.10 33.33 6.96
CA THR A 65 -13.50 32.52 8.09
C THR A 65 -15.00 32.39 8.18
N GLY A 66 -15.44 31.33 8.82
CA GLY A 66 -16.85 31.05 8.97
C GLY A 66 -17.05 29.58 9.27
N LYS A 67 -18.31 29.21 9.44
CA LYS A 67 -18.65 27.80 9.67
C LYS A 67 -19.75 27.34 8.72
N GLY A 68 -19.33 26.80 7.59
CA GLY A 68 -20.23 26.02 6.76
C GLY A 68 -20.55 24.70 7.42
N VAL A 69 -21.38 23.90 6.73
CA VAL A 69 -21.68 22.53 7.15
C VAL A 69 -21.61 21.61 5.94
N SER A 70 -21.55 20.30 6.21
CA SER A 70 -21.44 19.31 5.15
C SER A 70 -22.61 19.46 4.18
N GLY A 71 -22.30 19.53 2.89
CA GLY A 71 -23.29 19.75 1.87
C GLY A 71 -23.67 21.19 1.66
N LYS A 72 -23.23 22.10 2.53
CA LYS A 72 -23.56 23.51 2.43
C LYS A 72 -22.35 24.34 2.82
N PRO A 73 -21.26 24.26 2.06
CA PRO A 73 -20.11 25.10 2.36
C PRO A 73 -20.41 26.57 2.11
N ILE A 74 -19.54 27.41 2.68
CA ILE A 74 -19.49 28.84 2.37
C ILE A 74 -18.47 29.03 1.25
N VAL A 75 -18.86 29.72 0.18
CA VAL A 75 -18.08 29.71 -1.07
C VAL A 75 -17.61 31.12 -1.42
N TRP A 76 -16.35 31.23 -1.83
CA TRP A 76 -15.78 32.46 -2.39
C TRP A 76 -15.40 32.12 -3.82
N ARG A 77 -16.00 32.80 -4.79
CA ARG A 77 -15.85 32.38 -6.18
C ARG A 77 -15.96 33.56 -7.14
N ALA A 78 -15.47 33.32 -8.36
CA ALA A 78 -15.72 34.24 -9.46
C ALA A 78 -17.14 34.05 -9.99
N GLU A 79 -17.76 35.16 -10.40
CA GLU A 79 -19.05 35.06 -11.09
C GLU A 79 -18.91 34.28 -12.38
N ASN A 80 -17.85 34.54 -13.13
CA ASN A 80 -17.58 33.85 -14.40
C ASN A 80 -16.21 33.19 -14.26
N PRO A 81 -16.12 31.86 -14.33
CA PRO A 81 -14.85 31.20 -14.01
C PRO A 81 -13.67 31.79 -14.74
N GLY A 82 -12.63 32.11 -13.98
CA GLY A 82 -11.40 32.62 -14.53
C GLY A 82 -11.34 34.10 -14.79
N LYS A 83 -12.45 34.83 -14.66
CA LYS A 83 -12.45 36.25 -15.01
C LYS A 83 -12.31 37.16 -13.80
N ALA A 84 -12.24 36.61 -12.59
CA ALA A 84 -11.84 37.36 -11.40
C ALA A 84 -10.38 37.06 -11.10
N VAL A 85 -9.52 38.07 -11.26
CA VAL A 85 -8.07 37.93 -11.19
C VAL A 85 -7.60 38.64 -9.93
N ILE A 86 -6.76 37.97 -9.14
CA ILE A 86 -6.21 38.52 -7.90
C ILE A 86 -4.72 38.72 -8.11
N SER A 87 -4.23 39.94 -7.85
CA SER A 87 -2.86 40.33 -8.16
C SER A 87 -2.32 41.22 -7.05
N GLY A 88 -0.99 41.35 -7.01
CA GLY A 88 -0.36 42.22 -6.03
C GLY A 88 -0.15 41.53 -4.68
N LYS A 89 0.14 42.37 -3.67
CA LYS A 89 0.47 41.87 -2.35
C LYS A 89 -0.70 41.10 -1.74
N LEU A 90 -0.40 39.96 -1.11
CA LEU A 90 -1.43 39.08 -0.60
C LEU A 90 -0.97 38.28 0.61
N ARG A 91 -1.80 38.24 1.65
CA ARG A 91 -1.56 37.37 2.82
C ARG A 91 -2.94 36.84 3.22
N LEU A 92 -3.35 35.72 2.60
CA LEU A 92 -4.67 35.15 2.79
C LEU A 92 -4.59 34.02 3.81
N LYS A 93 -5.44 34.09 4.84
CA LYS A 93 -5.54 33.07 5.87
C LYS A 93 -6.96 32.54 5.85
N ILE A 94 -7.10 31.22 5.86
CA ILE A 94 -8.37 30.50 5.77
C ILE A 94 -8.49 29.65 7.05
N TYR A 95 -9.56 29.83 7.80
CA TYR A 95 -9.70 29.10 9.06
C TYR A 95 -11.17 29.05 9.41
N GLY A 96 -11.60 27.94 9.99
CA GLY A 96 -13.02 27.66 10.15
C GLY A 96 -13.35 26.30 9.58
N GLU A 97 -14.60 26.08 9.18
N GLU A 97 -14.59 26.08 9.15
CA GLU A 97 -15.02 24.79 8.67
CA GLU A 97 -15.00 24.76 8.66
C GLU A 97 -15.83 24.97 7.38
C GLU A 97 -15.90 24.91 7.44
N TYR A 98 -15.73 23.98 6.50
CA TYR A 98 -16.53 23.92 5.28
C TYR A 98 -16.53 25.25 4.51
N LEU A 99 -15.33 25.78 4.27
CA LEU A 99 -15.12 26.96 3.44
C LEU A 99 -14.49 26.53 2.12
N GLN A 100 -14.91 27.16 1.02
CA GLN A 100 -14.48 26.74 -0.31
C GLN A 100 -14.13 27.94 -1.17
N LEU A 101 -12.96 27.87 -1.81
CA LEU A 101 -12.58 28.80 -2.86
C LEU A 101 -12.71 28.10 -4.20
N GLU A 102 -13.32 28.78 -5.18
CA GLU A 102 -13.58 28.19 -6.49
C GLU A 102 -13.34 29.18 -7.63
N ASP A 103 -12.71 28.70 -8.70
CA ASP A 103 -12.69 29.42 -9.97
C ASP A 103 -11.96 30.76 -9.91
N LEU A 104 -11.01 30.93 -9.00
CA LEU A 104 -10.24 32.15 -8.86
C LEU A 104 -8.91 32.04 -9.59
N LEU A 105 -8.45 33.15 -10.16
CA LEU A 105 -7.18 33.22 -10.85
C LEU A 105 -6.23 34.12 -10.08
N PHE A 106 -5.25 33.52 -9.42
CA PHE A 106 -4.17 34.25 -8.74
C PHE A 106 -3.05 34.41 -9.77
N TYR A 107 -2.82 35.65 -10.21
CA TYR A 107 -1.88 35.95 -11.29
C TYR A 107 -1.05 37.16 -10.87
N LYS A 108 0.25 36.98 -10.78
CA LYS A 108 1.15 38.05 -10.35
C LYS A 108 0.68 38.67 -9.03
N ALA A 109 0.24 37.80 -8.12
CA ALA A 109 0.13 38.11 -6.69
C ALA A 109 1.35 37.52 -6.00
N TRP A 110 1.60 37.94 -4.76
CA TRP A 110 2.73 37.39 -4.03
C TRP A 110 2.55 37.62 -2.53
N ALA A 111 3.32 36.85 -1.76
CA ALA A 111 3.21 36.90 -0.31
C ALA A 111 3.82 38.17 0.28
N ILE A 112 3.09 38.77 1.22
CA ILE A 112 3.64 39.87 1.99
C ILE A 112 4.87 39.41 2.76
N GLY A 113 4.75 38.29 3.45
CA GLY A 113 5.89 37.68 4.11
C GLY A 113 6.25 36.33 3.50
N HIS A 114 6.16 35.27 4.30
CA HIS A 114 6.61 33.94 3.89
C HIS A 114 5.53 33.12 3.19
N ASP A 115 4.24 33.37 3.49
CA ASP A 115 3.17 32.45 3.11
C ASP A 115 2.06 33.22 2.40
N MET A 116 1.82 32.89 1.13
CA MET A 116 0.82 33.64 0.38
C MET A 116 -0.60 33.24 0.79
N ILE A 117 -0.90 31.95 0.78
CA ILE A 117 -2.21 31.38 1.16
C ILE A 117 -1.94 30.31 2.22
N ASP A 118 -2.59 30.44 3.38
CA ASP A 118 -2.33 29.58 4.54
C ASP A 118 -3.66 29.17 5.16
N PHE A 119 -3.75 27.91 5.57
CA PHE A 119 -4.97 27.31 6.13
C PHE A 119 -4.98 27.35 7.67
N GLN A 120 -4.50 28.46 8.23
CA GLN A 120 -4.48 28.71 9.66
C GLN A 120 -4.63 30.22 9.87
N GLY A 121 -5.36 30.59 10.91
CA GLY A 121 -5.40 31.96 11.38
C GLY A 121 -4.30 32.19 12.38
N GLU A 122 -4.66 32.58 13.60
CA GLU A 122 -3.70 32.52 14.70
C GLU A 122 -3.19 31.09 14.83
N LYS A 123 -1.95 30.94 15.31
CA LYS A 123 -1.41 29.62 15.57
C LYS A 123 -2.37 28.79 16.40
N GLY A 124 -2.71 27.58 15.89
CA GLY A 124 -3.61 26.70 16.58
C GLY A 124 -5.07 26.80 16.16
N VAL A 125 -5.41 27.75 15.31
CA VAL A 125 -6.78 27.97 14.83
C VAL A 125 -6.77 27.60 13.36
N TYR A 126 -7.30 26.43 13.02
CA TYR A 126 -7.08 25.83 11.71
C TYR A 126 -8.33 25.82 10.84
N ALA A 127 -8.09 25.66 9.54
CA ALA A 127 -9.13 25.21 8.62
C ALA A 127 -9.34 23.71 8.75
N SER A 128 -10.61 23.28 8.72
CA SER A 128 -10.92 21.87 8.54
C SER A 128 -12.08 21.74 7.56
N PHE A 129 -12.06 20.67 6.78
CA PHE A 129 -13.08 20.41 5.77
C PHE A 129 -13.21 21.58 4.78
N CYS A 130 -12.11 22.26 4.51
CA CYS A 130 -12.06 23.38 3.57
C CYS A 130 -11.44 22.89 2.26
N ARG A 131 -11.71 23.63 1.18
CA ARG A 131 -11.37 23.14 -0.16
C ARG A 131 -11.01 24.30 -1.07
N MET A 132 -9.95 24.12 -1.86
CA MET A 132 -9.61 25.02 -2.96
C MET A 132 -9.73 24.20 -4.24
N THR A 133 -10.64 24.59 -5.14
CA THR A 133 -10.94 23.81 -6.33
C THR A 133 -11.03 24.70 -7.56
N ARG A 134 -10.48 24.22 -8.67
CA ARG A 134 -10.57 24.92 -9.96
C ARG A 134 -10.00 26.32 -9.88
N CYS A 135 -8.91 26.48 -9.12
CA CYS A 135 -8.19 27.74 -9.03
C CYS A 135 -6.85 27.63 -9.75
N VAL A 136 -6.32 28.78 -10.14
CA VAL A 136 -5.00 28.89 -10.75
C VAL A 136 -4.11 29.76 -9.88
N ILE A 137 -2.86 29.34 -9.74
CA ILE A 137 -1.78 30.19 -9.24
C ILE A 137 -0.69 30.18 -10.31
N ASP A 138 -0.45 31.33 -10.94
CA ASP A 138 0.50 31.44 -12.05
C ASP A 138 1.32 32.72 -11.87
N GLU A 139 2.64 32.60 -11.98
CA GLU A 139 3.54 33.76 -11.98
C GLU A 139 3.42 34.59 -10.70
N CYS A 140 3.16 33.95 -9.55
CA CYS A 140 2.91 34.68 -8.31
C CYS A 140 4.22 34.87 -7.54
N ASN A 141 5.07 35.72 -8.10
CA ASN A 141 6.43 35.93 -7.63
C ASN A 141 6.63 37.37 -7.16
N ASP A 142 7.09 37.53 -5.92
CA ASP A 142 7.34 38.85 -5.36
C ASP A 142 8.44 39.54 -6.14
N PRO A 143 8.17 40.71 -6.73
CA PRO A 143 9.25 41.43 -7.45
C PRO A 143 10.43 41.79 -6.57
N GLN A 144 10.23 41.87 -5.24
CA GLN A 144 11.28 42.26 -4.31
C GLN A 144 12.04 41.07 -3.74
N LYS A 145 11.65 39.86 -4.11
CA LYS A 145 12.44 38.67 -3.82
C LYS A 145 13.19 38.25 -5.08
N GLY A 146 14.38 37.68 -4.90
CA GLY A 146 15.21 37.30 -6.02
C GLY A 146 14.95 35.88 -6.50
N GLU A 147 15.43 35.59 -7.71
CA GLU A 147 15.23 34.28 -8.32
C GLU A 147 16.40 33.32 -8.09
N ARG A 148 17.44 33.74 -7.36
CA ARG A 148 18.59 32.90 -7.09
C ARG A 148 18.56 32.40 -5.65
N PRO A 149 19.28 31.33 -5.35
CA PRO A 149 19.30 30.83 -3.97
C PRO A 149 19.64 31.92 -2.97
N ASN A 150 18.95 31.91 -1.83
CA ASN A 150 19.17 32.82 -0.71
C ASN A 150 18.71 34.24 -0.96
N GLU A 151 17.98 34.50 -2.05
CA GLU A 151 17.50 35.82 -2.37
C GLU A 151 16.03 36.04 -2.01
N GLY A 152 15.45 35.16 -1.25
CA GLY A 152 14.05 35.32 -0.84
C GLY A 152 13.31 34.01 -0.92
N ASP A 153 12.33 33.85 -0.04
CA ASP A 153 11.59 32.61 0.12
C ASP A 153 10.13 32.92 0.33
N GLU A 154 9.27 32.27 -0.44
CA GLU A 154 7.84 32.40 -0.20
C GLU A 154 7.14 31.11 -0.63
N TYR A 155 6.14 30.69 0.14
CA TYR A 155 5.42 29.46 -0.13
C TYR A 155 4.03 29.81 -0.64
N TRP A 156 3.54 29.12 -1.68
CA TRP A 156 2.26 29.50 -2.28
C TRP A 156 1.08 29.07 -1.41
N VAL A 157 0.99 27.78 -1.08
CA VAL A 157 -0.13 27.21 -0.32
C VAL A 157 0.42 26.40 0.86
N GLY A 158 -0.06 26.74 2.06
CA GLY A 158 0.27 25.98 3.25
C GLY A 158 -0.94 25.27 3.83
N LEU A 159 -0.93 23.94 3.76
CA LEU A 159 -1.98 23.17 4.41
C LEU A 159 -1.70 22.99 5.89
N ARG A 160 -2.75 23.19 6.70
CA ARG A 160 -2.76 23.03 8.15
C ARG A 160 -4.08 22.32 8.50
N GLY A 161 -4.26 21.98 9.76
CA GLY A 161 -5.55 21.46 10.18
C GLY A 161 -5.79 20.03 9.73
N THR A 162 -7.04 19.73 9.38
CA THR A 162 -7.48 18.38 9.05
C THR A 162 -8.51 18.41 7.93
N ASN A 163 -8.52 17.34 7.14
CA ASN A 163 -9.57 17.07 6.18
C ASN A 163 -9.74 18.19 5.17
N ASN A 164 -8.66 18.85 4.76
CA ASN A 164 -8.74 19.85 3.70
C ASN A 164 -8.39 19.22 2.37
N ARG A 165 -8.74 19.92 1.29
CA ARG A 165 -8.61 19.39 -0.06
C ARG A 165 -8.17 20.48 -1.03
N ILE A 166 -7.19 20.14 -1.87
N ILE A 166 -7.17 20.15 -1.84
CA ILE A 166 -6.76 20.97 -2.99
CA ILE A 166 -6.74 20.96 -2.98
C ILE A 166 -6.94 20.12 -4.25
C ILE A 166 -6.96 20.11 -4.23
N ASP A 167 -7.82 20.56 -5.14
CA ASP A 167 -8.14 19.72 -6.30
C ASP A 167 -8.48 20.52 -7.55
N HIS A 168 -8.17 19.92 -8.70
CA HIS A 168 -8.50 20.50 -9.99
C HIS A 168 -7.93 21.91 -10.16
N CYS A 169 -6.75 22.16 -9.59
CA CYS A 169 -6.05 23.43 -9.69
C CYS A 169 -4.87 23.34 -10.65
N TYR A 170 -4.37 24.49 -11.07
CA TYR A 170 -3.18 24.62 -11.93
C TYR A 170 -2.20 25.55 -11.23
N PHE A 171 -0.98 25.08 -11.00
CA PHE A 171 0.04 25.86 -10.32
C PHE A 171 1.29 25.85 -11.18
N ALA A 172 1.74 27.02 -11.65
CA ALA A 172 2.88 27.03 -12.54
C ALA A 172 3.70 28.31 -12.46
N ASN A 173 4.94 28.21 -12.91
CA ASN A 173 5.85 29.35 -13.12
C ASN A 173 6.23 30.05 -11.82
N LYS A 174 6.49 29.26 -10.78
CA LYS A 174 7.13 29.78 -9.58
C LYS A 174 8.62 30.00 -9.88
N ARG A 175 9.12 31.22 -9.60
CA ARG A 175 10.46 31.64 -9.96
C ARG A 175 11.30 32.06 -8.77
N VAL A 176 10.71 32.17 -7.58
CA VAL A 176 11.40 32.47 -6.34
C VAL A 176 11.46 31.19 -5.53
N GLY A 177 12.49 31.08 -4.69
CA GLY A 177 12.60 29.95 -3.79
C GLY A 177 11.35 29.74 -2.95
N GLY A 178 11.14 28.48 -2.54
CA GLY A 178 10.02 28.13 -1.70
C GLY A 178 9.07 27.13 -2.32
N LEU A 179 8.25 26.52 -1.47
CA LEU A 179 7.33 25.47 -1.89
C LEU A 179 6.14 26.00 -2.69
N VAL A 180 5.69 25.21 -3.67
CA VAL A 180 4.35 25.40 -4.20
C VAL A 180 3.30 25.03 -3.14
N LEU A 181 3.45 23.85 -2.54
CA LEU A 181 2.47 23.31 -1.60
C LEU A 181 3.19 22.62 -0.44
N GLN A 182 3.11 23.23 0.74
CA GLN A 182 3.64 22.65 1.97
C GLN A 182 2.51 22.10 2.83
N VAL A 183 2.67 20.87 3.30
CA VAL A 183 1.83 20.30 4.34
C VAL A 183 2.54 20.52 5.68
N TRP A 184 2.01 21.43 6.49
CA TRP A 184 2.60 21.76 7.77
C TRP A 184 2.07 20.85 8.86
N LEU A 185 2.97 20.24 9.62
CA LEU A 185 2.61 19.39 10.73
C LEU A 185 3.18 19.95 12.03
N SER A 186 2.46 19.76 13.12
CA SER A 186 2.98 20.09 14.43
C SER A 186 2.69 18.93 15.37
N ALA A 187 3.30 18.98 16.57
CA ALA A 187 3.17 17.87 17.51
C ALA A 187 1.72 17.62 17.85
N ASP A 188 0.91 18.67 17.93
CA ASP A 188 -0.50 18.49 18.26
C ASP A 188 -1.46 18.59 17.06
N ASN A 189 -0.96 18.85 15.82
CA ASN A 189 -1.79 18.82 14.61
C ASN A 189 -0.94 18.24 13.48
N HIS A 190 -0.84 16.91 13.44
CA HIS A 190 -0.07 16.23 12.40
C HIS A 190 -0.89 15.26 11.56
N LEU A 191 -1.85 14.56 12.16
CA LEU A 191 -2.63 13.54 11.44
C LEU A 191 -3.75 14.28 10.71
N ASN A 192 -3.57 14.52 9.42
CA ASN A 192 -4.41 15.46 8.67
C ASN A 192 -5.45 14.82 7.76
N ASN A 193 -5.14 13.70 7.12
CA ASN A 193 -6.03 13.13 6.12
C ASN A 193 -6.38 14.18 5.04
N HIS A 194 -5.42 15.04 4.69
CA HIS A 194 -5.68 15.95 3.59
C HIS A 194 -5.66 15.18 2.27
N LEU A 195 -6.33 15.74 1.26
CA LEU A 195 -6.36 15.16 -0.09
C LEU A 195 -5.91 16.20 -1.12
N ILE A 196 -4.94 15.81 -1.95
CA ILE A 196 -4.38 16.65 -3.01
C ILE A 196 -4.59 15.83 -4.29
N ASP A 197 -5.58 16.20 -5.11
CA ASP A 197 -5.98 15.36 -6.23
C ASP A 197 -6.34 16.15 -7.49
N HIS A 198 -6.04 15.55 -8.64
CA HIS A 198 -6.44 16.10 -9.94
C HIS A 198 -5.89 17.49 -10.20
N ASN A 199 -4.72 17.82 -9.62
CA ASN A 199 -4.08 19.10 -9.90
C ASN A 199 -3.04 18.94 -11.00
N PHE A 200 -2.77 20.05 -11.69
CA PHE A 200 -1.70 20.14 -12.68
C PHE A 200 -0.64 21.08 -12.13
N PHE A 201 0.50 20.50 -11.74
CA PHE A 201 1.65 21.27 -11.27
C PHE A 201 2.53 21.46 -12.50
N GLY A 202 2.54 22.68 -13.05
CA GLY A 202 3.27 22.98 -14.27
C GLY A 202 4.71 23.42 -14.05
N GLU A 203 5.23 24.10 -15.06
CA GLU A 203 6.66 24.27 -15.18
C GLU A 203 7.27 24.98 -13.99
N ARG A 204 8.44 24.49 -13.58
CA ARG A 204 9.31 25.18 -12.65
C ARG A 204 10.73 25.04 -13.18
N GLN A 205 11.38 26.16 -13.48
CA GLN A 205 12.72 26.11 -14.02
C GLN A 205 13.77 25.82 -12.95
N PRO A 206 14.94 25.33 -13.36
CA PRO A 206 15.99 25.05 -12.37
C PRO A 206 16.32 26.25 -11.49
N TYR A 207 16.35 26.01 -10.17
CA TYR A 207 16.65 27.04 -9.18
C TYR A 207 18.14 27.19 -8.93
N GLY A 208 18.91 26.12 -9.09
CA GLY A 208 20.34 26.22 -8.84
C GLY A 208 20.73 26.07 -7.39
N GLY A 209 19.81 25.63 -6.55
CA GLY A 209 20.09 25.32 -5.16
C GLY A 209 18.89 24.58 -4.60
N ASN A 210 18.98 24.27 -3.31
CA ASN A 210 17.92 23.56 -2.63
C ASN A 210 16.80 24.52 -2.26
N GLY A 211 15.60 23.95 -2.10
CA GLY A 211 14.44 24.70 -1.69
C GLY A 211 13.49 25.11 -2.79
N ALA A 212 13.33 24.28 -3.84
CA ALA A 212 12.45 24.57 -4.96
C ALA A 212 11.52 23.37 -5.21
N GLU A 213 11.18 22.63 -4.15
CA GLU A 213 10.29 21.49 -4.26
C GLU A 213 8.89 21.95 -4.70
N ILE A 214 8.14 21.03 -5.30
CA ILE A 214 6.72 21.29 -5.58
C ILE A 214 5.85 20.99 -4.36
N ILE A 215 5.95 19.78 -3.80
CA ILE A 215 5.22 19.40 -2.60
C ILE A 215 6.21 18.91 -1.55
N ARG A 216 6.01 19.34 -0.30
CA ARG A 216 6.75 18.81 0.85
C ARG A 216 5.72 18.42 1.90
N ILE A 217 5.77 17.17 2.34
CA ILE A 217 4.80 16.66 3.31
C ILE A 217 5.50 16.52 4.66
N GLY A 218 5.32 17.53 5.53
CA GLY A 218 6.04 17.59 6.79
C GLY A 218 7.40 18.25 6.66
N HIS A 219 8.19 18.10 7.73
CA HIS A 219 9.57 18.58 7.83
C HIS A 219 10.40 17.54 8.60
N SER A 220 11.73 17.68 8.55
CA SER A 220 12.59 16.82 9.36
C SER A 220 12.06 16.71 10.80
N TRP A 221 11.75 17.86 11.42
CA TRP A 221 11.41 17.91 12.84
C TRP A 221 10.04 17.28 13.14
N SER A 222 9.14 17.17 12.17
CA SER A 222 7.85 16.50 12.34
C SER A 222 7.80 15.14 11.66
N SER A 223 8.94 14.62 11.20
CA SER A 223 8.94 13.51 10.25
C SER A 223 8.60 12.16 10.88
N GLN A 224 8.69 12.02 12.19
CA GLN A 224 8.32 10.78 12.85
C GLN A 224 6.84 10.69 13.14
N LEU A 225 6.07 11.69 12.74
CA LEU A 225 4.65 11.74 13.04
C LEU A 225 3.81 11.25 11.86
N GLU A 226 2.64 10.69 12.18
CA GLU A 226 1.70 10.22 11.16
C GLU A 226 0.96 11.40 10.55
N SER A 227 1.02 11.50 9.22
CA SER A 227 0.38 12.53 8.43
C SER A 227 -0.86 12.04 7.70
N ARG A 228 -0.77 10.90 7.02
N ARG A 228 -0.73 10.92 6.98
CA ARG A 228 -1.89 10.35 6.25
CA ARG A 228 -1.85 10.34 6.24
C ARG A 228 -2.39 11.32 5.18
C ARG A 228 -2.38 11.29 5.17
N THR A 229 -1.47 12.01 4.50
CA THR A 229 -1.84 12.82 3.33
C THR A 229 -1.95 11.91 2.11
N ILE A 230 -2.96 12.17 1.28
N ILE A 230 -2.96 12.16 1.27
CA ILE A 230 -3.20 11.44 0.03
CA ILE A 230 -3.17 11.40 0.03
C ILE A 230 -2.89 12.36 -1.13
C ILE A 230 -2.92 12.33 -1.16
N VAL A 231 -1.95 11.96 -1.98
CA VAL A 231 -1.59 12.71 -3.19
C VAL A 231 -1.91 11.78 -4.38
N GLU A 232 -2.99 12.08 -5.12
CA GLU A 232 -3.58 11.13 -6.06
C GLU A 232 -4.00 11.79 -7.36
N ASP A 233 -3.70 11.14 -8.48
CA ASP A 233 -4.23 11.57 -9.78
C ASP A 233 -3.79 12.99 -10.16
N ASN A 234 -2.56 13.37 -9.82
CA ASN A 234 -2.03 14.67 -10.21
C ASN A 234 -1.01 14.53 -11.33
N VAL A 235 -0.86 15.61 -12.11
CA VAL A 235 0.18 15.72 -13.15
C VAL A 235 1.26 16.69 -12.67
N PHE A 236 2.52 16.28 -12.85
CA PHE A 236 3.70 17.11 -12.64
C PHE A 236 4.38 17.27 -14.00
N PHE A 237 4.38 18.47 -14.55
CA PHE A 237 4.81 18.76 -15.93
C PHE A 237 5.98 19.74 -15.89
N ARG A 238 7.17 19.27 -16.26
CA ARG A 238 8.34 20.13 -16.32
C ARG A 238 8.61 20.78 -14.96
N CYS A 239 8.40 19.99 -13.90
CA CYS A 239 8.72 20.45 -12.54
C CYS A 239 10.19 20.16 -12.28
N SER A 240 11.04 21.17 -12.47
CA SER A 240 12.49 20.97 -12.59
C SER A 240 13.26 21.94 -11.74
N GLY A 241 12.69 22.37 -10.62
CA GLY A 241 13.39 23.32 -9.76
C GLY A 241 14.61 22.72 -9.07
N GLU A 242 14.53 21.44 -8.67
CA GLU A 242 15.56 20.77 -7.89
C GLU A 242 15.29 19.26 -7.94
N ASN A 243 16.10 18.50 -7.20
CA ASN A 243 16.07 17.05 -7.32
C ASN A 243 14.87 16.40 -6.66
N GLU A 244 14.11 17.12 -5.81
CA GLU A 244 12.87 16.57 -5.24
C GLU A 244 11.68 17.29 -5.88
N ILE A 245 10.87 16.54 -6.64
CA ILE A 245 9.55 17.05 -7.04
C ILE A 245 8.62 17.02 -5.84
N ILE A 246 8.51 15.84 -5.21
CA ILE A 246 7.78 15.65 -3.97
C ILE A 246 8.80 15.18 -2.94
N SER A 247 8.89 15.90 -1.83
CA SER A 247 9.74 15.53 -0.69
C SER A 247 8.82 15.07 0.44
N VAL A 248 8.73 13.75 0.61
CA VAL A 248 7.92 13.16 1.67
C VAL A 248 8.75 13.14 2.95
N LYS A 249 8.28 13.83 4.00
CA LYS A 249 9.00 13.99 5.26
C LYS A 249 8.08 13.74 6.45
N SER A 250 7.31 12.64 6.40
CA SER A 250 6.38 12.26 7.46
C SER A 250 5.88 10.84 7.12
N CYS A 251 5.01 10.30 7.98
CA CYS A 251 4.66 8.89 7.94
C CYS A 251 3.27 8.60 7.39
N HIS A 252 3.13 7.42 6.78
CA HIS A 252 1.84 6.84 6.41
C HIS A 252 1.11 7.64 5.31
N ASN A 253 1.84 8.35 4.46
CA ASN A 253 1.23 9.05 3.33
C ASN A 253 0.99 8.07 2.18
N VAL A 254 0.11 8.46 1.28
CA VAL A 254 -0.26 7.65 0.12
C VAL A 254 -0.05 8.48 -1.13
N LEU A 255 0.78 8.00 -2.06
CA LEU A 255 1.07 8.71 -3.31
C LEU A 255 0.70 7.75 -4.44
N ARG A 256 -0.39 8.05 -5.16
CA ARG A 256 -1.03 7.09 -6.05
C ARG A 256 -1.41 7.72 -7.39
N ARG A 257 -1.06 7.04 -8.48
CA ARG A 257 -1.59 7.34 -9.81
C ARG A 257 -1.23 8.76 -10.27
N ASN A 258 -0.08 9.27 -9.85
CA ASN A 258 0.42 10.56 -10.34
C ASN A 258 1.27 10.32 -11.58
N LEU A 259 1.35 11.35 -12.44
CA LEU A 259 2.15 11.33 -13.67
C LEU A 259 3.24 12.38 -13.53
N PHE A 260 4.51 11.97 -13.72
CA PHE A 260 5.68 12.84 -13.65
C PHE A 260 6.28 12.93 -15.05
N TYR A 261 6.06 14.05 -15.73
CA TYR A 261 6.37 14.20 -17.15
C TYR A 261 7.45 15.25 -17.35
N GLU A 262 8.57 14.82 -17.94
CA GLU A 262 9.69 15.73 -18.26
C GLU A 262 10.11 16.58 -17.06
N SER A 263 10.12 15.98 -15.87
CA SER A 263 10.35 16.71 -14.62
C SER A 263 11.71 16.31 -14.05
N ALA A 264 12.61 17.30 -13.90
CA ALA A 264 13.99 17.04 -13.48
C ALA A 264 14.13 16.88 -11.96
N GLY A 265 13.46 15.86 -11.45
CA GLY A 265 13.57 15.46 -10.05
C GLY A 265 12.84 14.15 -9.86
N GLY A 266 12.68 13.75 -8.60
CA GLY A 266 12.09 12.46 -8.27
C GLY A 266 11.01 12.57 -7.21
N LEU A 267 10.39 11.41 -6.97
CA LEU A 267 9.51 11.18 -5.83
C LEU A 267 10.37 10.62 -4.70
N VAL A 268 10.59 11.40 -3.65
CA VAL A 268 11.59 11.08 -2.65
C VAL A 268 10.96 10.80 -1.29
N CYS A 269 11.19 9.59 -0.76
CA CYS A 269 10.81 9.22 0.61
C CYS A 269 11.98 9.67 1.47
N ARG A 270 12.00 10.98 1.79
CA ARG A 270 13.19 11.60 2.38
C ARG A 270 13.29 11.38 3.88
N HIS A 271 12.19 11.63 4.60
CA HIS A 271 12.14 11.34 6.03
C HIS A 271 10.77 10.71 6.32
N GLY A 272 10.67 10.00 7.44
CA GLY A 272 9.46 9.30 7.81
C GLY A 272 9.26 7.94 7.13
N HIS A 273 8.28 7.19 7.65
CA HIS A 273 8.18 5.75 7.45
C HIS A 273 6.79 5.35 6.96
N TYR A 274 6.73 4.17 6.36
CA TYR A 274 5.47 3.49 6.02
C TYR A 274 4.65 4.23 4.96
N ASN A 275 5.32 4.86 4.00
CA ASN A 275 4.65 5.51 2.88
C ASN A 275 4.29 4.49 1.82
N VAL A 276 3.11 4.68 1.22
CA VAL A 276 2.53 3.75 0.25
C VAL A 276 2.54 4.43 -1.11
N ILE A 277 3.26 3.82 -2.07
N ILE A 277 3.26 3.83 -2.06
CA ILE A 277 3.58 4.42 -3.37
CA ILE A 277 3.55 4.44 -3.37
C ILE A 277 3.03 3.47 -4.43
C ILE A 277 3.03 3.48 -4.43
N GLU A 278 1.87 3.82 -5.01
CA GLU A 278 1.12 2.89 -5.87
C GLU A 278 0.83 3.50 -7.24
N SER A 279 1.21 2.79 -8.28
CA SER A 279 0.69 3.01 -9.64
C SER A 279 1.01 4.39 -10.19
N ASN A 280 2.13 4.97 -9.78
CA ASN A 280 2.59 6.21 -10.39
C ASN A 280 3.32 5.92 -11.70
N THR A 281 3.43 6.95 -12.56
CA THR A 281 4.02 6.83 -13.88
C THR A 281 4.98 7.99 -14.11
N PHE A 282 6.17 7.67 -14.63
CA PHE A 282 7.22 8.65 -14.88
C PHE A 282 7.61 8.55 -16.34
N ILE A 283 7.48 9.66 -17.08
CA ILE A 283 7.83 9.73 -18.50
C ILE A 283 8.93 10.78 -18.64
N GLY A 284 10.19 10.37 -18.67
CA GLY A 284 11.27 11.34 -18.57
C GLY A 284 11.78 11.90 -19.89
N HIS A 285 11.52 11.22 -21.00
CA HIS A 285 12.05 11.63 -22.31
C HIS A 285 13.57 11.82 -22.29
N ASN A 286 14.23 11.08 -21.40
CA ASN A 286 15.70 11.10 -21.30
C ASN A 286 16.27 12.48 -21.00
N LEU A 287 15.50 13.34 -20.36
CA LEU A 287 15.94 14.71 -20.08
C LEU A 287 16.77 14.81 -18.80
N ARG A 288 17.65 15.82 -18.79
CA ARG A 288 18.56 16.08 -17.68
C ARG A 288 17.83 16.06 -16.35
N GLY A 289 18.36 15.30 -15.39
CA GLY A 289 17.87 15.34 -14.02
C GLY A 289 16.59 14.57 -13.73
N THR A 290 15.93 14.01 -14.75
CA THR A 290 14.71 13.24 -14.52
C THR A 290 15.02 12.02 -13.66
N ALA A 291 14.10 11.69 -12.75
CA ALA A 291 14.31 10.60 -11.81
C ALA A 291 13.00 9.92 -11.47
N GLY A 292 13.12 8.73 -10.86
CA GLY A 292 11.99 7.95 -10.39
C GLY A 292 11.81 8.04 -8.88
N ILE A 293 12.08 6.96 -8.14
CA ILE A 293 11.72 6.85 -6.72
C ILE A 293 12.99 6.68 -5.91
N ARG A 294 13.17 7.52 -4.90
CA ARG A 294 14.31 7.46 -3.99
C ARG A 294 13.84 6.99 -2.62
N ILE A 295 14.47 5.93 -2.10
CA ILE A 295 14.08 5.27 -0.86
C ILE A 295 15.15 5.47 0.22
N ILE A 296 14.74 6.12 1.31
CA ILE A 296 15.42 6.27 2.60
C ILE A 296 14.33 5.88 3.62
N ASN A 297 14.75 5.51 4.85
CA ASN A 297 13.80 5.19 5.93
C ASN A 297 13.06 3.86 5.73
N GLN A 298 12.09 3.55 6.59
CA GLN A 298 11.60 2.18 6.65
C GLN A 298 10.11 2.04 6.35
N GLY A 299 9.74 0.80 6.03
CA GLY A 299 8.37 0.38 6.09
C GLY A 299 7.51 0.63 4.89
N HIS A 300 8.06 1.19 3.82
CA HIS A 300 7.28 1.60 2.64
C HIS A 300 6.87 0.40 1.80
N THR A 301 5.75 0.58 1.09
CA THR A 301 5.28 -0.38 0.10
C THR A 301 5.21 0.32 -1.26
N VAL A 302 5.93 -0.22 -2.25
CA VAL A 302 6.15 0.43 -3.54
C VAL A 302 5.70 -0.56 -4.62
N TYR A 303 4.52 -0.30 -5.20
CA TYR A 303 3.81 -1.27 -6.05
C TYR A 303 3.28 -0.64 -7.32
N ASP A 304 3.47 -1.32 -8.45
CA ASP A 304 2.80 -0.99 -9.72
C ASP A 304 3.24 0.34 -10.33
N ASN A 305 4.42 0.85 -9.98
CA ASN A 305 4.92 2.08 -10.57
C ASN A 305 5.65 1.78 -11.87
N TYR A 306 5.56 2.72 -12.81
CA TYR A 306 6.10 2.57 -14.17
C TYR A 306 7.01 3.76 -14.42
N ILE A 307 8.32 3.48 -14.54
CA ILE A 307 9.37 4.52 -14.64
C ILE A 307 10.07 4.34 -15.97
N LYS A 308 9.98 5.37 -16.83
CA LYS A 308 10.50 5.32 -18.20
C LYS A 308 11.44 6.46 -18.53
N ASP A 309 12.59 6.12 -19.12
CA ASP A 309 13.50 7.08 -19.73
C ASP A 309 13.88 8.21 -18.78
N VAL A 310 14.17 7.89 -17.51
CA VAL A 310 14.69 8.89 -16.58
C VAL A 310 16.21 8.73 -16.51
N ARG A 311 16.92 9.84 -16.35
N ARG A 311 16.93 9.83 -16.36
CA ARG A 311 18.36 9.85 -16.55
CA ARG A 311 18.37 9.80 -16.54
C ARG A 311 19.18 9.82 -15.26
C ARG A 311 19.20 9.86 -15.26
N SER A 312 18.64 10.30 -14.14
CA SER A 312 19.41 10.34 -12.90
C SER A 312 19.41 9.00 -12.17
N PHE A 313 18.24 8.49 -11.80
CA PHE A 313 18.09 7.16 -11.23
C PHE A 313 16.64 6.75 -11.50
N GLY A 314 16.40 5.46 -11.66
CA GLY A 314 15.05 4.93 -11.73
C GLY A 314 14.55 4.57 -10.34
N LEU A 315 15.37 3.79 -9.63
CA LEU A 315 15.18 3.47 -8.22
C LEU A 315 16.51 3.69 -7.52
N LEU A 316 16.51 4.40 -6.39
CA LEU A 316 17.69 4.53 -5.56
C LEU A 316 17.33 4.07 -4.15
N VAL A 317 18.12 3.13 -3.61
CA VAL A 317 17.96 2.66 -2.23
C VAL A 317 19.25 3.02 -1.47
N ARG A 318 19.15 3.91 -0.50
CA ARG A 318 20.30 4.55 0.11
C ARG A 318 20.72 3.85 1.40
N VAL A 319 22.01 3.92 1.71
CA VAL A 319 22.46 3.61 3.07
C VAL A 319 21.95 4.68 4.01
N GLY A 320 21.91 4.36 5.30
CA GLY A 320 21.60 5.35 6.31
C GLY A 320 22.79 5.67 7.20
N VAL A 321 22.68 6.79 7.91
CA VAL A 321 23.65 7.19 8.92
C VAL A 321 23.22 6.73 10.29
N TYR A 322 21.91 6.79 10.58
CA TYR A 322 21.40 6.45 11.89
C TYR A 322 20.26 5.44 11.78
N GLU A 323 19.99 4.76 12.89
CA GLU A 323 18.77 3.98 12.97
C GLU A 323 17.56 4.92 13.16
N ARG A 324 16.38 4.39 12.89
CA ARG A 324 15.16 5.12 13.25
C ARG A 324 15.20 5.45 14.74
N PRO A 325 14.92 6.70 15.13
CA PRO A 325 15.02 7.08 16.55
C PRO A 325 13.93 6.45 17.38
N THR A 326 14.23 6.27 18.67
CA THR A 326 13.27 5.90 19.69
C THR A 326 13.06 7.10 20.61
N ALA A 327 12.20 6.92 21.62
CA ALA A 327 11.96 8.00 22.57
C ALA A 327 13.23 8.34 23.34
N GLU A 328 14.16 7.38 23.47
CA GLU A 328 15.40 7.60 24.18
C GLU A 328 16.46 8.29 23.33
N THR A 329 16.25 8.40 22.02
CA THR A 329 17.27 8.96 21.15
C THR A 329 17.39 10.46 21.40
N ASP A 330 18.62 10.92 21.60
CA ASP A 330 18.93 12.35 21.63
C ASP A 330 19.09 12.82 20.19
N VAL A 331 18.08 13.57 19.69
CA VAL A 331 18.11 14.04 18.30
C VAL A 331 19.07 15.19 18.09
N LYS A 332 19.75 15.68 19.14
CA LYS A 332 20.89 16.56 18.90
C LYS A 332 22.12 15.76 18.46
N LEU A 333 22.27 14.53 18.96
CA LEU A 333 23.37 13.68 18.57
C LEU A 333 23.08 12.89 17.29
N GLU A 334 21.81 12.57 17.02
CA GLU A 334 21.39 11.83 15.83
C GLU A 334 20.29 12.66 15.18
N PRO A 335 20.67 13.65 14.38
CA PRO A 335 19.67 14.62 13.89
C PRO A 335 18.65 14.03 12.93
N LEU A 336 17.41 14.50 13.07
CA LEU A 336 16.34 14.10 12.15
C LEU A 336 16.58 14.56 10.72
N THR A 337 17.46 15.55 10.51
CA THR A 337 17.81 16.02 9.18
C THR A 337 18.78 15.10 8.45
N SER A 338 19.30 14.05 9.11
CA SER A 338 20.23 13.11 8.50
C SER A 338 19.48 12.07 7.67
N TYR A 339 20.06 10.87 7.53
CA TYR A 339 19.51 9.78 6.73
C TYR A 339 19.36 8.56 7.62
N HIS A 340 18.21 7.89 7.52
CA HIS A 340 17.87 6.78 8.40
C HIS A 340 17.77 5.47 7.61
N ARG A 341 18.22 4.39 8.25
CA ARG A 341 18.35 3.09 7.60
C ARG A 341 17.08 2.68 6.83
N VAL A 342 17.29 2.16 5.63
CA VAL A 342 16.22 1.53 4.88
C VAL A 342 16.00 0.13 5.43
N GLU A 343 14.79 -0.16 5.90
CA GLU A 343 14.46 -1.54 6.28
C GLU A 343 12.98 -1.79 6.02
N ASN A 344 12.67 -3.05 5.75
CA ASN A 344 11.28 -3.53 5.66
C ASN A 344 10.51 -2.82 4.56
N VAL A 345 11.10 -2.80 3.36
CA VAL A 345 10.53 -2.12 2.21
C VAL A 345 10.21 -3.17 1.15
N ASP A 346 8.97 -3.19 0.67
CA ASP A 346 8.51 -4.10 -0.37
C ASP A 346 8.43 -3.36 -1.69
N ILE A 347 9.20 -3.82 -2.68
CA ILE A 347 9.28 -3.20 -4.02
C ILE A 347 8.85 -4.27 -5.02
N ALA A 348 7.57 -4.22 -5.43
CA ALA A 348 6.94 -5.28 -6.19
C ALA A 348 6.15 -4.80 -7.40
N TYR A 349 6.28 -5.53 -8.49
CA TYR A 349 5.39 -5.37 -9.65
C TYR A 349 5.53 -4.00 -10.30
N ASN A 350 6.73 -3.42 -10.25
CA ASN A 350 7.04 -2.16 -10.90
C ASN A 350 7.74 -2.44 -12.22
N THR A 351 7.84 -1.40 -13.06
CA THR A 351 8.55 -1.46 -14.34
C THR A 351 9.58 -0.33 -14.39
N PHE A 352 10.83 -0.69 -14.72
CA PHE A 352 11.92 0.25 -14.89
C PHE A 352 12.43 0.08 -16.32
N LEU A 353 12.05 1.01 -17.17
CA LEU A 353 12.30 0.94 -18.61
C LEU A 353 13.30 2.02 -19.00
N ASN A 354 14.47 1.59 -19.50
CA ASN A 354 15.57 2.51 -19.73
C ASN A 354 15.75 3.48 -18.56
N SER A 355 15.69 2.92 -17.34
CA SER A 355 15.84 3.65 -16.09
C SER A 355 16.61 2.77 -15.09
N SER A 356 17.58 3.38 -14.40
CA SER A 356 18.57 2.62 -13.64
C SER A 356 18.04 2.09 -12.30
N LEU A 357 18.75 1.09 -11.77
CA LEU A 357 18.62 0.61 -10.38
C LEU A 357 19.94 0.93 -9.69
N GLU A 358 19.89 1.67 -8.58
CA GLU A 358 21.09 2.06 -7.85
C GLU A 358 20.88 1.66 -6.39
N LEU A 359 21.64 0.67 -5.93
CA LEU A 359 21.39 0.05 -4.63
C LEU A 359 22.61 0.17 -3.73
N GLY A 360 22.43 0.80 -2.57
CA GLY A 360 23.50 0.85 -1.59
C GLY A 360 24.39 2.08 -1.61
N SER A 361 24.05 3.10 -2.41
CA SER A 361 24.87 4.30 -2.46
C SER A 361 24.55 5.21 -1.26
N GLY A 362 25.39 6.23 -1.10
CA GLY A 362 25.23 7.24 -0.06
C GLY A 362 26.30 7.08 1.01
N ARG A 363 26.30 8.04 1.95
N ARG A 363 26.31 8.06 1.93
N ARG A 363 26.33 8.08 1.91
CA ARG A 363 27.23 8.06 3.06
CA ARG A 363 27.25 8.04 3.05
CA ARG A 363 27.23 8.04 3.05
C ARG A 363 26.56 7.50 4.31
C ARG A 363 26.57 7.49 4.29
C ARG A 363 26.52 7.41 4.25
N GLY A 364 27.25 6.59 4.99
CA GLY A 364 26.72 5.98 6.19
C GLY A 364 27.05 4.50 6.31
N GLU A 365 26.88 3.95 7.51
CA GLU A 365 27.19 2.57 7.80
C GLU A 365 25.95 1.70 8.03
N LYS A 366 24.74 2.23 7.89
CA LYS A 366 23.53 1.44 8.12
C LYS A 366 23.06 0.92 6.78
N MET A 367 23.46 -0.32 6.45
CA MET A 367 23.09 -0.92 5.17
C MET A 367 21.59 -1.20 5.09
N PRO A 368 21.01 -1.22 3.89
CA PRO A 368 19.61 -1.62 3.77
C PRO A 368 19.41 -3.06 4.23
N ARG A 369 18.27 -3.30 4.87
N ARG A 369 18.27 -3.30 4.87
CA ARG A 369 17.94 -4.61 5.42
CA ARG A 369 17.93 -4.60 5.43
C ARG A 369 16.48 -4.92 5.10
C ARG A 369 16.49 -4.91 5.08
N ASN A 370 16.21 -6.18 4.75
CA ASN A 370 14.83 -6.62 4.51
C ASN A 370 14.13 -5.77 3.45
N VAL A 371 14.82 -5.57 2.34
CA VAL A 371 14.22 -5.00 1.13
C VAL A 371 13.90 -6.15 0.19
N ARG A 372 12.65 -6.25 -0.22
CA ARG A 372 12.26 -7.27 -1.19
C ARG A 372 12.10 -6.60 -2.54
N PHE A 373 12.78 -7.12 -3.56
CA PHE A 373 12.67 -6.63 -4.93
C PHE A 373 12.14 -7.82 -5.75
N ALA A 374 10.83 -7.84 -6.01
CA ALA A 374 10.17 -9.01 -6.57
C ALA A 374 9.23 -8.62 -7.70
N HIS A 375 9.22 -9.43 -8.76
CA HIS A 375 8.25 -9.33 -9.85
C HIS A 375 8.32 -8.00 -10.59
N ASN A 376 9.50 -7.41 -10.62
CA ASN A 376 9.71 -6.17 -11.36
C ASN A 376 10.26 -6.48 -12.75
N LEU A 377 9.89 -5.64 -13.72
CA LEU A 377 10.47 -5.66 -15.06
C LEU A 377 11.58 -4.62 -15.14
N PHE A 378 12.79 -5.07 -15.47
CA PHE A 378 13.95 -4.20 -15.69
C PHE A 378 14.30 -4.40 -17.16
N ALA A 379 14.10 -3.35 -17.97
CA ALA A 379 14.17 -3.52 -19.42
C ALA A 379 14.75 -2.27 -20.07
N GLY A 380 15.17 -2.43 -21.31
CA GLY A 380 15.70 -1.32 -22.07
C GLY A 380 16.66 -1.80 -23.14
N GLN A 381 17.63 -0.95 -23.46
CA GLN A 381 18.64 -1.25 -24.46
C GLN A 381 19.88 -1.78 -23.74
N THR A 382 20.59 -0.90 -23.02
CA THR A 382 21.72 -1.25 -22.18
C THR A 382 21.30 -1.15 -20.72
N PRO A 383 21.54 -2.15 -19.89
CA PRO A 383 21.17 -2.04 -18.47
C PRO A 383 22.11 -1.13 -17.69
N ASP A 384 21.52 -0.40 -16.77
CA ASP A 384 22.21 0.50 -15.84
C ASP A 384 21.88 0.01 -14.43
N LEU A 385 22.74 -0.87 -13.92
CA LEU A 385 22.58 -1.47 -12.59
C LEU A 385 23.83 -1.16 -11.80
N LYS A 386 23.66 -0.48 -10.68
CA LYS A 386 24.76 -0.04 -9.83
C LYS A 386 24.55 -0.62 -8.42
N ILE A 387 25.49 -1.44 -7.97
N ILE A 387 25.49 -1.45 -7.98
CA ILE A 387 25.45 -2.00 -6.63
CA ILE A 387 25.47 -2.02 -6.64
C ILE A 387 26.71 -1.57 -5.90
C ILE A 387 26.71 -1.55 -5.91
N VAL A 388 26.53 -0.96 -4.73
CA VAL A 388 27.62 -0.45 -3.90
C VAL A 388 27.76 -1.31 -2.66
N ARG A 389 29.00 -1.53 -2.21
CA ARG A 389 29.27 -2.35 -1.03
C ARG A 389 28.51 -3.66 -1.10
N ALA A 390 28.66 -4.36 -2.22
CA ALA A 390 27.81 -5.50 -2.53
C ALA A 390 27.78 -6.55 -1.43
N ASP A 391 28.93 -6.97 -0.91
CA ASP A 391 28.90 -8.07 0.06
C ASP A 391 28.26 -7.67 1.39
N GLU A 392 28.08 -6.38 1.64
CA GLU A 392 27.33 -5.92 2.81
C GLU A 392 25.90 -5.52 2.50
N VAL A 393 25.62 -5.11 1.26
CA VAL A 393 24.29 -4.64 0.87
C VAL A 393 23.43 -5.78 0.36
N LEU A 394 23.98 -6.66 -0.46
CA LEU A 394 23.15 -7.71 -1.05
C LEU A 394 22.51 -8.65 -0.02
N PRO A 395 23.15 -9.00 1.09
CA PRO A 395 22.45 -9.80 2.10
C PRO A 395 21.16 -9.17 2.60
N GLY A 396 20.98 -7.87 2.44
CA GLY A 396 19.78 -7.19 2.87
C GLY A 396 18.66 -7.19 1.85
N PHE A 397 18.86 -7.78 0.68
CA PHE A 397 17.88 -7.82 -0.39
C PHE A 397 17.44 -9.26 -0.68
N LEU A 398 16.18 -9.43 -0.98
CA LEU A 398 15.66 -10.66 -1.58
C LEU A 398 15.24 -10.29 -3.00
N PHE A 399 15.96 -10.80 -3.99
CA PHE A 399 15.62 -10.59 -5.41
C PHE A 399 14.87 -11.83 -5.86
N LEU A 400 13.61 -11.67 -6.27
CA LEU A 400 12.74 -12.80 -6.57
C LEU A 400 11.89 -12.57 -7.82
N ASP A 401 12.06 -13.44 -8.81
CA ASP A 401 11.16 -13.51 -9.96
C ASP A 401 11.00 -12.16 -10.66
N ASN A 402 12.12 -11.46 -10.86
CA ASN A 402 12.14 -10.29 -11.74
C ASN A 402 12.46 -10.70 -13.18
N GLU A 403 12.15 -9.82 -14.11
CA GLU A 403 12.40 -10.05 -15.53
C GLU A 403 13.43 -9.05 -16.03
N TRP A 404 14.28 -9.54 -16.94
CA TRP A 404 15.44 -8.80 -17.45
C TRP A 404 15.34 -8.81 -18.97
N ALA A 405 15.11 -7.64 -19.57
CA ALA A 405 14.89 -7.55 -21.01
C ALA A 405 15.72 -6.44 -21.66
N PHE A 406 16.91 -6.80 -22.15
CA PHE A 406 17.85 -5.87 -22.74
C PHE A 406 18.38 -6.45 -24.06
N SER A 407 18.99 -5.58 -24.87
CA SER A 407 19.33 -5.92 -26.24
C SER A 407 20.39 -7.01 -26.32
N ASP A 408 21.43 -6.91 -25.50
CA ASP A 408 22.50 -7.90 -25.50
C ASP A 408 22.05 -9.06 -24.62
N LYS A 409 21.86 -10.23 -25.23
CA LYS A 409 21.39 -11.39 -24.49
C LYS A 409 22.47 -11.99 -23.59
N LYS A 410 23.70 -11.49 -23.66
CA LYS A 410 24.74 -11.92 -22.72
C LYS A 410 24.78 -11.04 -21.47
N SER A 411 23.94 -10.00 -21.39
CA SER A 411 24.15 -8.97 -20.38
C SER A 411 23.93 -9.49 -18.96
N LEU A 412 22.89 -10.30 -18.72
CA LEU A 412 22.67 -10.76 -17.36
C LEU A 412 23.83 -11.62 -16.87
N SER A 413 24.36 -12.48 -17.74
CA SER A 413 25.47 -13.34 -17.33
C SER A 413 26.71 -12.54 -16.95
N SER A 414 26.84 -11.32 -17.45
CA SER A 414 28.00 -10.47 -17.14
C SER A 414 27.88 -9.75 -15.80
N VAL A 415 26.74 -9.84 -15.11
CA VAL A 415 26.61 -9.28 -13.78
C VAL A 415 27.47 -10.09 -12.82
N SER A 416 28.15 -9.41 -11.91
CA SER A 416 29.12 -10.08 -11.06
C SER A 416 28.53 -10.88 -9.91
N TYR A 417 27.28 -10.67 -9.55
CA TYR A 417 26.72 -11.19 -8.30
C TYR A 417 25.71 -12.27 -8.61
N GLU A 418 26.02 -13.50 -8.16
CA GLU A 418 25.12 -14.62 -8.38
C GLU A 418 23.73 -14.37 -7.79
N GLN A 419 23.67 -13.73 -6.62
CA GLN A 419 22.39 -13.48 -6.00
C GLN A 419 21.50 -12.63 -6.91
N VAL A 420 22.10 -11.68 -7.63
CA VAL A 420 21.35 -10.87 -8.58
C VAL A 420 20.97 -11.70 -9.80
N ARG A 421 21.94 -12.41 -10.38
CA ARG A 421 21.63 -13.24 -11.55
C ARG A 421 20.49 -14.21 -11.26
N GLU A 422 20.46 -14.81 -10.06
CA GLU A 422 19.43 -15.77 -9.73
C GLU A 422 18.06 -15.13 -9.49
N GLY A 423 18.01 -13.82 -9.22
CA GLY A 423 16.79 -13.09 -9.00
C GLY A 423 16.13 -12.52 -10.24
N PHE A 424 16.72 -12.71 -11.42
CA PHE A 424 16.16 -12.24 -12.67
C PHE A 424 16.11 -13.39 -13.67
N LYS A 425 15.12 -13.37 -14.55
CA LYS A 425 15.04 -14.27 -15.70
C LYS A 425 15.10 -13.44 -16.97
N PRO A 426 15.99 -13.75 -17.92
CA PRO A 426 15.99 -13.03 -19.20
C PRO A 426 14.74 -13.37 -20.00
N VAL A 427 14.10 -12.33 -20.55
CA VAL A 427 12.91 -12.46 -21.37
C VAL A 427 13.06 -11.53 -22.56
N ASP A 428 12.31 -11.84 -23.62
CA ASP A 428 12.20 -10.91 -24.74
C ASP A 428 11.39 -9.69 -24.31
N MET A 429 11.67 -8.55 -24.95
CA MET A 429 10.97 -7.33 -24.59
C MET A 429 9.46 -7.53 -24.68
N PRO A 430 8.70 -7.29 -23.61
CA PRO A 430 7.23 -7.43 -23.72
C PRO A 430 6.65 -6.45 -24.72
N ASP A 431 5.55 -6.86 -25.38
CA ASP A 431 4.98 -6.10 -26.49
C ASP A 431 3.81 -5.20 -26.09
N GLY A 432 3.38 -5.21 -24.83
CA GLY A 432 2.27 -4.39 -24.43
C GLY A 432 2.60 -3.07 -23.75
N LEU A 433 3.86 -2.62 -23.81
CA LEU A 433 4.28 -1.49 -22.98
C LEU A 433 3.71 -0.17 -23.48
N ASN A 434 3.67 0.04 -24.79
CA ASN A 434 3.07 1.26 -25.32
C ASN A 434 1.60 1.41 -24.89
N GLN A 435 0.84 0.31 -24.92
CA GLN A 435 -0.56 0.35 -24.49
C GLN A 435 -0.68 0.61 -22.99
N GLU A 436 0.19 0.00 -22.19
CA GLU A 436 0.19 0.26 -20.75
C GLU A 436 0.44 1.74 -20.47
N GLU A 437 1.41 2.34 -21.18
CA GLU A 437 1.69 3.76 -20.98
C GLU A 437 0.49 4.60 -21.38
N LYS A 438 -0.14 4.27 -22.51
CA LYS A 438 -1.28 5.05 -22.98
C LYS A 438 -2.41 5.02 -21.96
N GLU A 439 -2.70 3.84 -21.39
CA GLU A 439 -3.77 3.76 -20.40
C GLU A 439 -3.46 4.64 -19.19
N ARG A 440 -2.21 4.60 -18.71
CA ARG A 440 -1.83 5.37 -17.52
C ARG A 440 -1.91 6.88 -17.79
N ILE A 441 -1.39 7.33 -18.93
CA ILE A 441 -1.43 8.75 -19.25
C ILE A 441 -2.87 9.20 -19.50
N ASP A 442 -3.62 8.44 -20.29
CA ASP A 442 -5.03 8.78 -20.54
C ASP A 442 -5.77 8.95 -19.22
N ALA A 443 -5.54 8.06 -18.26
CA ALA A 443 -6.29 8.15 -17.01
C ALA A 443 -5.93 9.40 -16.21
N CYS A 444 -4.72 9.91 -16.35
CA CYS A 444 -4.30 11.05 -15.54
C CYS A 444 -4.60 12.40 -16.16
N ILE A 445 -4.58 12.54 -17.50
CA ILE A 445 -4.57 13.90 -18.05
C ILE A 445 -5.92 14.47 -18.44
N PHE A 446 -6.94 13.65 -18.58
CA PHE A 446 -8.16 14.22 -19.15
C PHE A 446 -9.15 14.67 -18.11
N THR A 447 -8.83 14.53 -16.82
CA THR A 447 -9.65 15.00 -15.72
C THR A 447 -8.89 15.95 -14.78
N VAL A 448 -7.76 16.47 -15.21
CA VAL A 448 -6.85 17.25 -14.36
C VAL A 448 -7.06 18.74 -14.61
N GLY A 449 -6.98 19.52 -13.54
CA GLY A 449 -6.90 20.96 -13.65
C GLY A 449 -8.20 21.68 -13.90
N PRO A 450 -8.12 23.03 -13.95
CA PRO A 450 -9.30 23.85 -14.29
C PRO A 450 -9.49 24.03 -15.79
N THR A 451 -10.66 23.62 -16.30
CA THR A 451 -10.92 23.58 -17.73
C THR A 451 -10.95 24.97 -18.38
N TRP A 452 -11.12 26.03 -17.60
CA TRP A 452 -11.25 27.36 -18.15
C TRP A 452 -9.92 28.05 -18.40
N HIS A 453 -8.81 27.45 -17.96
CA HIS A 453 -7.49 28.08 -18.09
C HIS A 453 -6.83 27.56 -19.35
N LYS A 454 -6.57 28.47 -20.31
CA LYS A 454 -6.05 28.00 -21.60
C LYS A 454 -4.70 27.29 -21.45
N ALA A 455 -3.83 27.76 -20.56
CA ALA A 455 -2.53 27.12 -20.42
C ALA A 455 -2.66 25.70 -19.88
N LEU A 456 -3.66 25.42 -19.05
CA LEU A 456 -3.91 24.02 -18.66
C LEU A 456 -4.24 23.18 -19.89
N LYS A 457 -5.14 23.67 -20.74
CA LYS A 457 -5.55 22.90 -21.91
C LYS A 457 -4.38 22.71 -22.87
N GLU A 458 -3.56 23.75 -23.04
CA GLU A 458 -2.41 23.67 -23.92
C GLU A 458 -1.39 22.65 -23.39
N ASN A 459 -1.09 22.70 -22.09
CA ASN A 459 -0.10 21.79 -21.52
C ASN A 459 -0.60 20.33 -21.56
N VAL A 460 -1.88 20.12 -21.30
CA VAL A 460 -2.47 18.78 -21.39
C VAL A 460 -2.40 18.28 -22.83
N ASN A 461 -2.71 19.16 -23.80
CA ASN A 461 -2.62 18.75 -25.20
C ASN A 461 -1.18 18.41 -25.59
N HIS A 462 -0.20 19.12 -25.02
CA HIS A 462 1.20 18.77 -25.28
C HIS A 462 1.50 17.34 -24.83
N ILE A 463 1.13 16.99 -23.59
CA ILE A 463 1.36 15.62 -23.11
C ILE A 463 0.66 14.63 -24.04
N ASP A 464 -0.62 14.90 -24.34
CA ASP A 464 -1.43 14.00 -25.16
C ASP A 464 -0.76 13.72 -26.50
N THR A 465 -0.14 14.73 -27.11
CA THR A 465 0.47 14.59 -28.44
C THR A 465 1.97 14.35 -28.42
N ASN A 466 2.59 14.24 -27.25
CA ASN A 466 4.05 13.99 -27.10
C ASN A 466 4.23 12.97 -25.97
N ARG A 467 3.83 11.74 -26.26
N ARG A 467 3.83 11.74 -26.23
CA ARG A 467 3.84 10.65 -25.30
CA ARG A 467 3.87 10.71 -25.21
C ARG A 467 5.24 10.15 -25.01
C ARG A 467 5.23 10.09 -25.01
N MET B 21 29.77 -30.85 -1.94
CA MET B 21 28.33 -31.09 -1.79
C MET B 21 28.02 -32.56 -2.01
N LYS B 22 27.20 -33.13 -1.13
CA LYS B 22 26.90 -34.54 -1.17
C LYS B 22 25.40 -34.78 -1.09
N GLU B 23 24.96 -35.85 -1.74
CA GLU B 23 23.61 -36.36 -1.58
C GLU B 23 23.66 -37.59 -0.67
N TYR B 24 22.82 -37.60 0.35
CA TYR B 24 22.65 -38.73 1.28
C TYR B 24 21.26 -39.31 1.04
N THR B 25 21.20 -40.56 0.60
N THR B 25 21.21 -40.58 0.63
CA THR B 25 19.95 -41.18 0.20
CA THR B 25 19.96 -41.20 0.20
C THR B 25 19.49 -42.19 1.25
C THR B 25 19.50 -42.22 1.22
N PHE B 26 18.18 -42.23 1.47
CA PHE B 26 17.57 -43.07 2.48
C PHE B 26 16.28 -43.66 1.95
N SER B 27 15.94 -44.85 2.46
CA SER B 27 14.65 -45.48 2.21
C SER B 27 13.92 -45.62 3.55
N PRO B 28 12.65 -46.06 3.55
CA PRO B 28 11.93 -46.20 4.84
C PRO B 28 12.66 -47.01 5.90
N LYS B 29 13.38 -48.06 5.49
CA LYS B 29 14.10 -48.88 6.44
C LYS B 29 15.23 -48.14 7.14
N ASP B 30 15.61 -46.96 6.63
CA ASP B 30 16.74 -46.19 7.12
C ASP B 30 16.31 -44.97 7.93
N VAL B 31 15.06 -44.91 8.36
CA VAL B 31 14.55 -43.72 9.06
C VAL B 31 15.42 -43.35 10.25
N PRO B 32 15.87 -44.28 11.10
CA PRO B 32 16.75 -43.85 12.22
C PRO B 32 17.97 -43.03 11.78
N ALA B 33 18.71 -43.49 10.75
CA ALA B 33 19.87 -42.76 10.27
C ALA B 33 19.48 -41.46 9.59
N MET B 34 18.34 -41.46 8.88
N MET B 34 18.32 -41.45 8.91
CA MET B 34 17.85 -40.24 8.26
CA MET B 34 17.84 -40.24 8.26
C MET B 34 17.58 -39.16 9.32
C MET B 34 17.51 -39.16 9.28
N LYS B 35 16.81 -39.51 10.35
CA LYS B 35 16.53 -38.56 11.42
C LYS B 35 17.81 -38.09 12.11
N GLN B 36 18.78 -38.98 12.31
CA GLN B 36 20.02 -38.60 12.96
C GLN B 36 20.74 -37.53 12.16
N LEU B 37 20.84 -37.72 10.83
CA LEU B 37 21.57 -36.76 10.00
C LEU B 37 20.81 -35.43 9.92
N LEU B 38 19.49 -35.47 9.74
CA LEU B 38 18.72 -34.23 9.67
C LEU B 38 18.88 -33.41 10.94
N GLY B 39 18.91 -34.07 12.08
CA GLY B 39 18.93 -33.39 13.36
C GLY B 39 20.30 -33.11 13.94
N SER B 40 21.35 -33.57 13.27
CA SER B 40 22.69 -33.50 13.82
C SER B 40 23.31 -32.12 13.73
N GLY B 41 22.92 -31.32 12.75
CA GLY B 41 23.61 -30.09 12.44
C GLY B 41 24.84 -30.25 11.58
N ASN B 42 25.16 -31.47 11.15
CA ASN B 42 26.38 -31.72 10.40
C ASN B 42 26.21 -31.60 8.89
N LEU B 43 24.99 -31.47 8.41
CA LEU B 43 24.77 -31.19 6.99
C LEU B 43 25.46 -29.87 6.64
N GLN B 44 26.05 -29.81 5.45
CA GLN B 44 26.77 -28.66 4.97
C GLN B 44 26.05 -27.97 3.82
N PRO B 45 26.35 -26.70 3.56
CA PRO B 45 25.66 -25.99 2.47
C PRO B 45 25.70 -26.77 1.16
N GLY B 46 24.53 -26.91 0.53
CA GLY B 46 24.41 -27.63 -0.72
C GLY B 46 24.18 -29.13 -0.60
N ASP B 47 24.35 -29.70 0.60
CA ASP B 47 24.04 -31.10 0.80
C ASP B 47 22.53 -31.34 0.65
N ALA B 48 22.15 -32.57 0.31
CA ALA B 48 20.75 -32.95 0.22
C ALA B 48 20.54 -34.28 0.93
N VAL B 49 19.45 -34.35 1.67
CA VAL B 49 18.89 -35.59 2.20
C VAL B 49 17.75 -36.01 1.27
N VAL B 50 17.92 -37.16 0.61
CA VAL B 50 17.07 -37.59 -0.50
C VAL B 50 16.32 -38.85 -0.10
N LEU B 51 14.99 -38.82 -0.18
CA LEU B 51 14.15 -39.97 0.18
C LEU B 51 13.72 -40.75 -1.05
N LYS B 52 14.03 -42.05 -1.06
CA LYS B 52 13.60 -42.93 -2.13
C LYS B 52 12.09 -43.17 -2.03
N ASP B 53 11.49 -43.63 -3.11
CA ASP B 53 10.05 -43.87 -3.13
C ASP B 53 9.66 -44.78 -1.98
N GLY B 54 8.58 -44.43 -1.29
CA GLY B 54 8.10 -45.27 -0.21
C GLY B 54 7.24 -44.49 0.76
N THR B 55 6.85 -45.19 1.82
CA THR B 55 6.05 -44.64 2.90
C THR B 55 6.90 -44.50 4.16
N TYR B 56 6.87 -43.30 4.74
CA TYR B 56 7.66 -42.88 5.91
C TYR B 56 6.64 -42.60 7.00
N HIS B 57 6.30 -43.62 7.77
CA HIS B 57 5.16 -43.57 8.69
C HIS B 57 5.66 -43.40 10.12
N ASN B 58 4.96 -42.57 10.90
CA ASN B 58 5.27 -42.38 12.32
C ASN B 58 6.72 -41.90 12.53
N LEU B 59 7.12 -40.89 11.76
CA LEU B 59 8.41 -40.22 12.00
C LEU B 59 8.46 -39.63 13.41
N LYS B 60 7.31 -39.27 13.97
CA LYS B 60 7.20 -38.76 15.34
C LYS B 60 8.13 -37.57 15.51
N GLU B 61 9.00 -37.55 16.50
CA GLU B 61 9.85 -36.39 16.76
C GLU B 61 10.98 -36.35 15.74
N ILE B 62 11.04 -35.30 14.93
CA ILE B 62 12.07 -35.19 13.89
C ILE B 62 12.49 -33.73 13.77
N ASN B 63 13.79 -33.49 13.87
CA ASN B 63 14.37 -32.16 13.77
C ASN B 63 15.17 -32.04 12.47
N PHE B 64 15.05 -30.88 11.82
CA PHE B 64 15.82 -30.53 10.63
C PHE B 64 16.59 -29.26 10.99
N THR B 65 17.90 -29.39 11.13
CA THR B 65 18.73 -28.26 11.55
C THR B 65 20.05 -28.26 10.79
N GLY B 66 20.72 -27.11 10.85
CA GLY B 66 21.95 -26.90 10.10
C GLY B 66 22.03 -25.46 9.63
N LYS B 67 23.13 -25.13 8.96
CA LYS B 67 23.33 -23.80 8.39
C LYS B 67 23.78 -23.92 6.94
N GLY B 68 22.84 -23.72 6.00
CA GLY B 68 23.19 -23.45 4.63
C GLY B 68 23.67 -22.01 4.51
N VAL B 69 23.92 -21.60 3.27
CA VAL B 69 24.20 -20.21 2.94
C VAL B 69 23.35 -19.80 1.75
N SER B 70 23.28 -18.48 1.50
CA SER B 70 22.54 -17.97 0.36
C SER B 70 23.05 -18.60 -0.93
N GLY B 71 22.14 -19.13 -1.74
CA GLY B 71 22.49 -19.80 -2.97
C GLY B 71 22.85 -21.25 -2.82
N LYS B 72 23.09 -21.70 -1.59
CA LYS B 72 23.46 -23.11 -1.32
C LYS B 72 22.74 -23.57 -0.08
N PRO B 73 21.42 -23.69 -0.12
CA PRO B 73 20.69 -24.21 1.04
C PRO B 73 20.99 -25.69 1.26
N ILE B 74 20.67 -26.16 2.46
CA ILE B 74 20.62 -27.59 2.78
C ILE B 74 19.20 -28.07 2.47
N VAL B 75 19.08 -29.14 1.67
CA VAL B 75 17.80 -29.55 1.08
C VAL B 75 17.38 -30.92 1.61
N TRP B 76 16.12 -31.05 2.02
CA TRP B 76 15.46 -32.33 2.30
C TRP B 76 14.40 -32.49 1.21
N ARG B 77 14.53 -33.54 0.39
N ARG B 77 14.51 -33.55 0.41
CA ARG B 77 13.62 -33.71 -0.72
CA ARG B 77 13.63 -33.71 -0.73
C ARG B 77 13.35 -35.19 -1.01
C ARG B 77 13.36 -35.18 -1.02
N ALA B 78 12.29 -35.41 -1.77
CA ALA B 78 12.02 -36.71 -2.37
C ALA B 78 12.88 -36.90 -3.62
N GLU B 79 13.35 -38.14 -3.82
CA GLU B 79 14.06 -38.45 -5.06
C GLU B 79 13.18 -38.18 -6.27
N ASN B 80 11.93 -38.65 -6.22
CA ASN B 80 10.96 -38.50 -7.29
C ASN B 80 9.77 -37.74 -6.72
N PRO B 81 9.50 -36.53 -7.19
CA PRO B 81 8.51 -35.68 -6.51
C PRO B 81 7.20 -36.38 -6.30
N GLY B 82 6.69 -36.28 -5.08
CA GLY B 82 5.44 -36.89 -4.73
C GLY B 82 5.48 -38.36 -4.38
N LYS B 83 6.62 -39.03 -4.51
CA LYS B 83 6.68 -40.47 -4.26
C LYS B 83 7.22 -40.82 -2.88
N ALA B 84 7.67 -39.85 -2.11
CA ALA B 84 8.04 -40.06 -0.70
C ALA B 84 6.88 -39.54 0.14
N VAL B 85 6.12 -40.47 0.73
CA VAL B 85 4.90 -40.14 1.47
C VAL B 85 5.21 -40.14 2.96
N ILE B 86 4.87 -39.05 3.65
CA ILE B 86 5.01 -38.95 5.10
C ILE B 86 3.63 -39.03 5.71
N SER B 87 3.44 -39.97 6.65
CA SER B 87 2.13 -40.23 7.22
C SER B 87 2.28 -40.63 8.69
N GLY B 88 1.14 -40.72 9.38
CA GLY B 88 1.18 -41.07 10.79
C GLY B 88 1.62 -39.91 11.67
N LYS B 89 1.97 -40.24 12.90
CA LYS B 89 2.29 -39.23 13.91
C LYS B 89 3.54 -38.44 13.51
N LEU B 90 3.49 -37.11 13.69
CA LEU B 90 4.57 -36.24 13.25
C LEU B 90 4.67 -35.01 14.16
N ARG B 91 5.92 -34.68 14.53
CA ARG B 91 6.25 -33.45 15.25
C ARG B 91 7.57 -32.98 14.62
N LEU B 92 7.46 -32.28 13.49
CA LEU B 92 8.62 -31.81 12.75
C LEU B 92 8.98 -30.39 13.18
N LYS B 93 10.24 -30.19 13.57
CA LYS B 93 10.76 -28.89 13.98
C LYS B 93 11.91 -28.51 13.06
N ILE B 94 11.90 -27.30 12.53
CA ILE B 94 12.90 -26.80 11.60
C ILE B 94 13.54 -25.58 12.25
N TYR B 95 14.87 -25.58 12.37
CA TYR B 95 15.55 -24.46 13.02
C TYR B 95 16.99 -24.44 12.56
N GLY B 96 17.52 -23.23 12.37
CA GLY B 96 18.79 -23.03 11.72
C GLY B 96 18.62 -22.03 10.59
N GLU B 97 19.46 -22.09 9.56
N GLU B 97 19.45 -22.09 9.55
CA GLU B 97 19.46 -21.09 8.50
CA GLU B 97 19.45 -21.08 8.51
C GLU B 97 19.60 -21.75 7.14
C GLU B 97 19.62 -21.72 7.14
N TYR B 98 18.90 -21.21 6.15
CA TYR B 98 19.04 -21.67 4.75
C TYR B 98 18.81 -23.17 4.61
N LEU B 99 17.73 -23.63 5.22
CA LEU B 99 17.25 -25.01 5.08
C LEU B 99 16.02 -25.00 4.18
N GLN B 100 15.85 -26.07 3.38
CA GLN B 100 14.80 -26.10 2.37
C GLN B 100 14.19 -27.49 2.28
N LEU B 101 12.87 -27.55 2.31
CA LEU B 101 12.10 -28.77 2.10
C LEU B 101 11.44 -28.68 0.73
N GLU B 102 11.52 -29.76 -0.05
CA GLU B 102 11.04 -29.74 -1.43
C GLU B 102 10.38 -31.06 -1.79
N ASP B 103 9.24 -30.99 -2.47
CA ASP B 103 8.67 -32.13 -3.19
C ASP B 103 8.21 -33.27 -2.26
N LEU B 104 7.88 -32.94 -1.03
CA LEU B 104 7.42 -33.91 -0.04
C LEU B 104 5.90 -33.94 -0.01
N LEU B 105 5.35 -35.15 0.21
CA LEU B 105 3.91 -35.37 0.30
C LEU B 105 3.56 -35.79 1.72
N PHE B 106 2.96 -34.88 2.49
CA PHE B 106 2.38 -35.17 3.80
C PHE B 106 0.93 -35.58 3.57
N TYR B 107 0.61 -36.85 3.80
CA TYR B 107 -0.69 -37.40 3.44
C TYR B 107 -1.11 -38.34 4.55
N LYS B 108 -2.17 -37.98 5.27
CA LYS B 108 -2.62 -38.71 6.44
C LYS B 108 -1.53 -38.80 7.50
N ALA B 109 -0.76 -37.73 7.61
CA ALA B 109 0.08 -37.45 8.79
C ALA B 109 -0.74 -36.58 9.74
N TRP B 110 -0.29 -36.46 11.00
CA TRP B 110 -0.99 -35.59 11.94
C TRP B 110 -0.05 -35.22 13.08
N ALA B 111 -0.44 -34.20 13.84
CA ALA B 111 0.39 -33.69 14.93
C ALA B 111 0.30 -34.56 16.18
N ILE B 112 1.46 -34.85 16.78
CA ILE B 112 1.50 -35.49 18.08
C ILE B 112 0.90 -34.56 19.13
N GLY B 113 1.31 -33.30 19.11
CA GLY B 113 0.75 -32.30 19.98
C GLY B 113 -0.03 -31.26 19.22
N HIS B 114 0.30 -29.98 19.43
CA HIS B 114 -0.46 -28.88 18.85
C HIS B 114 -0.06 -28.56 17.42
N ASP B 115 1.21 -28.75 17.07
CA ASP B 115 1.79 -28.22 15.83
C ASP B 115 2.46 -29.34 15.05
N MET B 116 2.01 -29.58 13.82
CA MET B 116 2.56 -30.69 13.06
C MET B 116 3.95 -30.37 12.49
N ILE B 117 4.08 -29.22 11.84
CA ILE B 117 5.33 -28.67 11.31
C ILE B 117 5.53 -27.28 11.92
N ASP B 118 6.67 -27.05 12.57
CA ASP B 118 6.95 -25.79 13.27
C ASP B 118 8.35 -25.31 12.90
N PHE B 119 8.47 -24.00 12.65
CA PHE B 119 9.74 -23.36 12.27
C PHE B 119 10.54 -22.86 13.47
N GLN B 120 10.48 -23.59 14.59
CA GLN B 120 11.38 -23.38 15.71
C GLN B 120 11.67 -24.70 16.41
N GLY B 121 12.81 -24.76 17.08
CA GLY B 121 13.11 -25.86 17.98
C GLY B 121 12.51 -25.60 19.36
N GLU B 122 12.53 -24.35 19.77
CA GLU B 122 12.00 -23.90 21.06
C GLU B 122 12.06 -22.38 21.04
N LYS B 123 11.55 -21.75 22.09
CA LYS B 123 11.59 -20.30 22.15
C LYS B 123 13.01 -19.81 22.01
N GLY B 124 13.21 -18.90 21.06
CA GLY B 124 14.49 -18.28 20.83
C GLY B 124 15.39 -19.05 19.89
N VAL B 125 14.99 -20.24 19.45
CA VAL B 125 15.83 -21.08 18.60
C VAL B 125 15.01 -21.33 17.34
N TYR B 126 15.15 -20.43 16.37
CA TYR B 126 14.24 -20.31 15.26
C TYR B 126 14.89 -20.69 13.92
N ALA B 127 14.03 -20.97 12.94
CA ALA B 127 14.42 -21.00 11.54
C ALA B 127 14.49 -19.58 10.98
N SER B 128 15.52 -19.31 10.19
CA SER B 128 15.59 -18.08 9.41
C SER B 128 16.10 -18.40 8.01
N PHE B 129 15.58 -17.68 7.03
CA PHE B 129 15.97 -17.89 5.64
C PHE B 129 15.71 -19.33 5.21
N CYS B 130 14.65 -19.96 5.74
CA CYS B 130 14.31 -21.32 5.39
C CYS B 130 13.08 -21.31 4.49
N ARG B 131 12.85 -22.41 3.77
CA ARG B 131 11.84 -22.44 2.71
C ARG B 131 11.22 -23.83 2.61
N MET B 132 9.89 -23.86 2.48
CA MET B 132 9.14 -25.05 2.11
C MET B 132 8.52 -24.78 0.74
N THR B 133 8.90 -25.58 -0.26
CA THR B 133 8.45 -25.34 -1.63
C THR B 133 8.01 -26.63 -2.30
N ARG B 134 6.95 -26.54 -3.10
CA ARG B 134 6.45 -27.68 -3.87
C ARG B 134 6.12 -28.89 -2.99
N CYS B 135 5.57 -28.64 -1.81
CA CYS B 135 5.12 -29.70 -0.92
C CYS B 135 3.60 -29.71 -0.87
N VAL B 136 3.07 -30.85 -0.46
CA VAL B 136 1.63 -31.06 -0.32
C VAL B 136 1.34 -31.47 1.12
N ILE B 137 0.31 -30.85 1.71
CA ILE B 137 -0.31 -31.34 2.95
C ILE B 137 -1.78 -31.61 2.64
N ASP B 138 -2.18 -32.88 2.71
N ASP B 138 -2.18 -32.88 2.73
CA ASP B 138 -3.51 -33.30 2.31
CA ASP B 138 -3.51 -33.30 2.31
C ASP B 138 -4.02 -34.35 3.30
C ASP B 138 -4.02 -34.35 3.28
N GLU B 139 -5.24 -34.15 3.79
CA GLU B 139 -5.92 -35.13 4.65
C GLU B 139 -5.12 -35.44 5.92
N CYS B 140 -4.41 -34.45 6.45
CA CYS B 140 -3.52 -34.66 7.59
C CYS B 140 -4.25 -34.43 8.91
N ASN B 141 -5.16 -35.37 9.21
CA ASN B 141 -6.07 -35.23 10.34
C ASN B 141 -5.90 -36.39 11.31
N ASP B 142 -5.67 -36.06 12.59
CA ASP B 142 -5.47 -37.06 13.64
C ASP B 142 -6.75 -37.86 13.81
N PRO B 143 -6.71 -39.18 13.65
CA PRO B 143 -7.95 -39.96 13.79
C PRO B 143 -8.54 -39.92 15.19
N GLN B 144 -7.73 -39.58 16.20
CA GLN B 144 -8.25 -39.47 17.55
C GLN B 144 -8.79 -38.09 17.89
N LYS B 145 -8.65 -37.10 17.01
CA LYS B 145 -9.31 -35.80 17.16
C LYS B 145 -10.60 -35.80 16.36
N GLY B 146 -11.63 -35.14 16.90
CA GLY B 146 -12.91 -35.08 16.23
C GLY B 146 -13.03 -33.91 15.27
N GLU B 147 -14.02 -33.99 14.38
CA GLU B 147 -14.23 -32.97 13.36
C GLU B 147 -15.22 -31.88 13.76
N ARG B 148 -15.71 -31.90 15.00
CA ARG B 148 -16.67 -30.91 15.49
C ARG B 148 -16.00 -29.94 16.44
N PRO B 149 -16.58 -28.76 16.65
CA PRO B 149 -15.93 -27.79 17.56
C PRO B 149 -15.67 -28.39 18.93
N ASN B 150 -14.49 -28.07 19.46
CA ASN B 150 -14.05 -28.51 20.79
C ASN B 150 -13.75 -30.01 20.86
N GLU B 151 -13.49 -30.65 19.72
CA GLU B 151 -13.17 -32.07 19.68
C GLU B 151 -11.71 -32.32 19.32
N GLY B 152 -10.88 -31.32 19.41
CA GLY B 152 -9.47 -31.45 19.13
C GLY B 152 -8.99 -30.29 18.27
N ASP B 153 -7.71 -29.94 18.43
CA ASP B 153 -7.10 -28.85 17.68
C ASP B 153 -5.68 -29.20 17.27
N GLU B 154 -5.33 -28.95 16.00
CA GLU B 154 -3.96 -29.13 15.55
C GLU B 154 -3.71 -28.15 14.41
N TYR B 155 -2.53 -27.54 14.41
CA TYR B 155 -2.13 -26.57 13.38
C TYR B 155 -1.13 -27.25 12.44
N TRP B 156 -1.31 -27.06 11.13
CA TRP B 156 -0.44 -27.76 10.19
C TRP B 156 0.97 -27.16 10.13
N VAL B 157 1.07 -25.85 9.89
CA VAL B 157 2.36 -25.17 9.74
C VAL B 157 2.39 -23.95 10.64
N GLY B 158 3.47 -23.83 11.40
CA GLY B 158 3.73 -22.68 12.25
C GLY B 158 4.96 -21.92 11.80
N LEU B 159 4.79 -20.70 11.28
CA LEU B 159 5.92 -19.83 10.98
C LEU B 159 6.41 -19.13 12.25
N ARG B 160 7.74 -19.11 12.40
CA ARG B 160 8.47 -18.49 13.50
C ARG B 160 9.67 -17.82 12.86
N GLY B 161 10.42 -17.05 13.66
CA GLY B 161 11.70 -16.52 13.20
C GLY B 161 11.54 -15.41 12.20
N THR B 162 12.43 -15.42 11.19
CA THR B 162 12.48 -14.32 10.24
C THR B 162 12.85 -14.86 8.85
N ASN B 163 12.37 -14.16 7.82
CA ASN B 163 12.80 -14.37 6.44
C ASN B 163 12.54 -15.78 5.94
N ASN B 164 11.46 -16.42 6.43
CA ASN B 164 11.09 -17.73 5.91
C ASN B 164 10.07 -17.60 4.77
N ARG B 165 9.92 -18.68 3.99
CA ARG B 165 9.09 -18.67 2.80
C ARG B 165 8.34 -19.99 2.65
N ILE B 166 7.04 -19.89 2.36
N ILE B 166 7.04 -19.88 2.38
CA ILE B 166 6.22 -21.04 1.99
CA ILE B 166 6.18 -21.01 2.01
C ILE B 166 5.66 -20.74 0.62
C ILE B 166 5.69 -20.70 0.60
N ASP B 167 6.02 -21.54 -0.39
CA ASP B 167 5.66 -21.21 -1.75
C ASP B 167 5.41 -22.46 -2.61
N HIS B 168 4.52 -22.31 -3.59
CA HIS B 168 4.21 -23.38 -4.57
C HIS B 168 3.77 -24.67 -3.88
N CYS B 169 3.08 -24.57 -2.75
CA CYS B 169 2.57 -25.74 -2.03
C CYS B 169 1.06 -25.88 -2.25
N TYR B 170 0.53 -27.04 -1.86
CA TYR B 170 -0.90 -27.36 -1.92
C TYR B 170 -1.32 -27.86 -0.54
N PHE B 171 -2.33 -27.23 0.06
CA PHE B 171 -2.82 -27.59 1.39
C PHE B 171 -4.32 -27.79 1.28
N ALA B 172 -4.84 -28.97 1.62
CA ALA B 172 -6.27 -29.19 1.44
C ALA B 172 -6.81 -30.27 2.35
N ASN B 173 -8.13 -30.21 2.57
CA ASN B 173 -8.88 -31.25 3.27
C ASN B 173 -8.49 -31.39 4.75
N LYS B 174 -8.29 -30.24 5.41
CA LYS B 174 -8.22 -30.23 6.86
C LYS B 174 -9.63 -30.36 7.41
N ARG B 175 -9.80 -31.30 8.33
CA ARG B 175 -11.11 -31.68 8.86
C ARG B 175 -11.21 -31.55 10.36
N VAL B 176 -10.11 -31.28 11.05
CA VAL B 176 -10.07 -31.02 12.49
C VAL B 176 -9.83 -29.54 12.68
N GLY B 177 -10.36 -29.00 13.78
CA GLY B 177 -10.07 -27.64 14.15
C GLY B 177 -8.59 -27.25 14.14
N GLY B 178 -8.32 -25.98 13.86
CA GLY B 178 -6.97 -25.45 13.90
C GLY B 178 -6.54 -24.86 12.58
N LEU B 179 -5.48 -24.06 12.62
CA LEU B 179 -5.00 -23.36 11.45
C LEU B 179 -4.30 -24.28 10.45
N VAL B 180 -4.45 -23.95 9.16
CA VAL B 180 -3.54 -24.45 8.14
C VAL B 180 -2.16 -23.83 8.32
N LEU B 181 -2.11 -22.48 8.42
CA LEU B 181 -0.86 -21.76 8.51
C LEU B 181 -0.97 -20.62 9.51
N GLN B 182 -0.29 -20.75 10.65
CA GLN B 182 -0.21 -19.70 11.65
C GLN B 182 1.14 -19.00 11.59
N VAL B 183 1.11 -17.67 11.56
CA VAL B 183 2.31 -16.86 11.73
C VAL B 183 2.39 -16.45 13.20
N TRP B 184 3.34 -17.05 13.92
CA TRP B 184 3.49 -16.82 15.36
C TRP B 184 4.38 -15.62 15.61
N LEU B 185 3.88 -14.68 16.42
CA LEU B 185 4.66 -13.52 16.84
C LEU B 185 4.88 -13.57 18.34
N SER B 186 6.02 -13.07 18.81
CA SER B 186 6.29 -12.87 20.23
C SER B 186 6.87 -11.48 20.43
N ALA B 187 6.91 -11.03 21.69
CA ALA B 187 7.45 -9.70 21.96
C ALA B 187 8.89 -9.59 21.50
N ASP B 188 9.64 -10.68 21.55
CA ASP B 188 11.03 -10.66 21.14
C ASP B 188 11.25 -10.99 19.67
N ASN B 189 10.26 -11.60 19.00
CA ASN B 189 10.41 -12.07 17.61
C ASN B 189 9.05 -11.87 16.93
N HIS B 190 8.82 -10.64 16.45
CA HIS B 190 7.58 -10.33 15.75
C HIS B 190 7.79 -9.83 14.32
N LEU B 191 8.82 -9.03 14.07
CA LEU B 191 9.07 -8.47 12.73
C LEU B 191 9.73 -9.54 11.88
N ASN B 192 8.95 -10.21 11.03
CA ASN B 192 9.40 -11.43 10.38
C ASN B 192 9.78 -11.28 8.92
N ASN B 193 9.08 -10.48 8.13
CA ASN B 193 9.35 -10.42 6.69
C ASN B 193 9.21 -11.80 6.03
N HIS B 194 8.30 -12.63 6.52
CA HIS B 194 8.02 -13.89 5.84
C HIS B 194 7.29 -13.62 4.54
N LEU B 195 7.39 -14.59 3.62
CA LEU B 195 6.72 -14.54 2.32
C LEU B 195 5.93 -15.82 2.13
N ILE B 196 4.64 -15.68 1.83
CA ILE B 196 3.73 -16.79 1.56
C ILE B 196 3.19 -16.53 0.15
N ASP B 197 3.68 -17.28 -0.85
CA ASP B 197 3.40 -16.94 -2.25
C ASP B 197 3.16 -18.17 -3.12
N HIS B 198 2.27 -18.00 -4.10
CA HIS B 198 2.01 -19.01 -5.15
C HIS B 198 1.58 -20.35 -4.58
N ASN B 199 0.89 -20.35 -3.45
CA ASN B 199 0.35 -21.58 -2.88
C ASN B 199 -1.11 -21.73 -3.29
N PHE B 200 -1.58 -22.99 -3.27
CA PHE B 200 -2.97 -23.33 -3.52
C PHE B 200 -3.53 -23.87 -2.20
N PHE B 201 -4.37 -23.07 -1.55
CA PHE B 201 -5.10 -23.47 -0.34
C PHE B 201 -6.44 -24.00 -0.81
N GLY B 202 -6.59 -25.33 -0.76
CA GLY B 202 -7.78 -26.00 -1.24
C GLY B 202 -8.88 -26.19 -0.23
N GLU B 203 -9.75 -27.15 -0.53
CA GLU B 203 -11.04 -27.21 0.14
C GLU B 203 -10.93 -27.36 1.65
N ARG B 204 -11.78 -26.61 2.36
CA ARG B 204 -12.02 -26.81 3.79
C ARG B 204 -13.53 -26.73 4.02
N GLN B 205 -14.13 -27.80 4.53
CA GLN B 205 -15.57 -27.83 4.73
C GLN B 205 -15.98 -27.03 5.97
N PRO B 206 -17.24 -26.61 6.03
CA PRO B 206 -17.68 -25.85 7.21
C PRO B 206 -17.44 -26.60 8.52
N TYR B 207 -16.83 -25.89 9.48
CA TYR B 207 -16.50 -26.44 10.78
C TYR B 207 -17.66 -26.38 11.76
N GLY B 208 -18.54 -25.38 11.62
CA GLY B 208 -19.66 -25.19 12.54
C GLY B 208 -19.31 -24.47 13.82
N GLY B 209 -18.13 -23.86 13.87
CA GLY B 209 -17.69 -23.11 15.03
C GLY B 209 -16.48 -22.31 14.61
N ASN B 210 -15.94 -21.55 15.55
CA ASN B 210 -14.75 -20.75 15.33
C ASN B 210 -13.51 -21.62 15.43
N GLY B 211 -12.46 -21.21 14.74
CA GLY B 211 -11.18 -21.87 14.80
C GLY B 211 -10.83 -22.71 13.61
N ALA B 212 -11.25 -22.33 12.41
CA ALA B 212 -11.00 -23.08 11.19
C ALA B 212 -10.45 -22.18 10.08
N GLU B 213 -9.71 -21.15 10.48
CA GLU B 213 -9.09 -20.23 9.55
C GLU B 213 -8.05 -20.94 8.69
N ILE B 214 -7.79 -20.39 7.51
CA ILE B 214 -6.68 -20.88 6.69
C ILE B 214 -5.36 -20.27 7.13
N ILE B 215 -5.28 -18.92 7.16
CA ILE B 215 -4.09 -18.21 7.61
C ILE B 215 -4.48 -17.26 8.74
N ARG B 216 -3.68 -17.25 9.81
CA ARG B 216 -3.79 -16.21 10.84
C ARG B 216 -2.42 -15.57 11.02
N ILE B 217 -2.37 -14.24 10.94
CA ILE B 217 -1.10 -13.52 11.05
C ILE B 217 -1.04 -12.84 12.42
N GLY B 218 -0.38 -13.49 13.38
CA GLY B 218 -0.38 -13.01 14.76
C GLY B 218 -1.56 -13.54 15.56
N HIS B 219 -1.77 -12.90 16.73
CA HIS B 219 -2.84 -13.20 17.67
C HIS B 219 -3.26 -11.87 18.30
N SER B 220 -4.42 -11.86 18.97
CA SER B 220 -4.82 -10.68 19.72
C SER B 220 -3.66 -10.12 20.57
N TRP B 221 -2.97 -11.00 21.32
CA TRP B 221 -1.99 -10.54 22.30
C TRP B 221 -0.72 -9.98 21.67
N SER B 222 -0.44 -10.31 20.40
CA SER B 222 0.70 -9.79 19.66
C SER B 222 0.28 -8.77 18.61
N SER B 223 -0.99 -8.35 18.61
CA SER B 223 -1.56 -7.67 17.46
C SER B 223 -1.11 -6.23 17.30
N GLN B 224 -0.56 -5.59 18.33
CA GLN B 224 -0.04 -4.23 18.20
C GLN B 224 1.39 -4.20 17.65
N LEU B 225 1.97 -5.36 17.33
CA LEU B 225 3.35 -5.48 16.88
C LEU B 225 3.44 -5.52 15.36
N GLU B 226 4.56 -4.98 14.84
CA GLU B 226 4.84 -5.02 13.41
C GLU B 226 5.25 -6.42 12.98
N SER B 227 4.54 -6.97 12.00
CA SER B 227 4.83 -8.29 11.43
C SER B 227 5.52 -8.24 10.07
N ARG B 228 5.01 -7.43 9.13
N ARG B 228 4.96 -7.48 9.12
CA ARG B 228 5.56 -7.31 7.78
CA ARG B 228 5.53 -7.32 7.79
C ARG B 228 5.55 -8.67 7.04
C ARG B 228 5.53 -8.64 7.02
N THR B 229 4.49 -9.45 7.23
CA THR B 229 4.30 -10.65 6.43
C THR B 229 3.68 -10.28 5.07
N ILE B 230 4.20 -10.89 4.00
N ILE B 230 4.18 -10.89 4.00
CA ILE B 230 3.67 -10.71 2.66
CA ILE B 230 3.66 -10.68 2.65
C ILE B 230 2.93 -11.98 2.26
C ILE B 230 2.96 -11.95 2.17
N VAL B 231 1.67 -11.82 1.87
CA VAL B 231 0.81 -12.91 1.37
C VAL B 231 0.42 -12.52 -0.06
N GLU B 232 0.98 -13.21 -1.06
CA GLU B 232 0.96 -12.72 -2.43
C GLU B 232 0.77 -13.85 -3.45
N ASP B 233 -0.10 -13.62 -4.43
CA ASP B 233 -0.25 -14.52 -5.58
C ASP B 233 -0.68 -15.94 -5.15
N ASN B 234 -1.50 -16.07 -4.11
CA ASN B 234 -2.03 -17.37 -3.71
C ASN B 234 -3.48 -17.54 -4.15
N VAL B 235 -3.90 -18.79 -4.30
CA VAL B 235 -5.29 -19.17 -4.56
C VAL B 235 -5.89 -19.80 -3.30
N PHE B 236 -7.12 -19.37 -2.96
CA PHE B 236 -7.95 -19.95 -1.91
C PHE B 236 -9.20 -20.50 -2.60
N PHE B 237 -9.35 -21.83 -2.61
CA PHE B 237 -10.36 -22.56 -3.39
C PHE B 237 -11.25 -23.34 -2.42
N ARG B 238 -12.51 -22.90 -2.29
CA ARG B 238 -13.49 -23.57 -1.42
C ARG B 238 -13.00 -23.67 0.01
N CYS B 239 -12.33 -22.60 0.47
CA CYS B 239 -11.88 -22.48 1.86
C CYS B 239 -13.05 -21.96 2.67
N SER B 240 -13.77 -22.88 3.32
CA SER B 240 -15.11 -22.60 3.84
C SER B 240 -15.30 -23.09 5.27
N GLY B 241 -14.23 -23.13 6.04
CA GLY B 241 -14.34 -23.63 7.41
C GLY B 241 -15.09 -22.67 8.34
N GLU B 242 -14.94 -21.37 8.13
CA GLU B 242 -15.50 -20.34 9.01
C GLU B 242 -15.42 -18.99 8.30
N ASN B 243 -15.87 -17.94 9.00
CA ASN B 243 -16.03 -16.64 8.34
C ASN B 243 -14.72 -15.93 8.05
N GLU B 244 -13.58 -16.35 8.63
CA GLU B 244 -12.27 -15.79 8.27
C GLU B 244 -11.50 -16.80 7.44
N ILE B 245 -11.26 -16.47 6.16
CA ILE B 245 -10.27 -17.19 5.37
C ILE B 245 -8.87 -16.83 5.85
N ILE B 246 -8.58 -15.53 5.87
CA ILE B 246 -7.36 -14.97 6.42
C ILE B 246 -7.78 -14.05 7.56
N SER B 247 -7.23 -14.28 8.75
CA SER B 247 -7.47 -13.46 9.94
C SER B 247 -6.18 -12.70 10.20
N VAL B 248 -6.15 -11.42 9.81
CA VAL B 248 -4.98 -10.59 10.04
C VAL B 248 -5.06 -10.04 11.46
N LYS B 249 -4.05 -10.30 12.28
CA LYS B 249 -4.05 -9.96 13.71
C LYS B 249 -2.70 -9.37 14.12
N SER B 250 -2.18 -8.46 13.31
CA SER B 250 -0.90 -7.78 13.55
C SER B 250 -0.76 -6.66 12.51
N CYS B 251 0.36 -5.93 12.57
CA CYS B 251 0.53 -4.66 11.87
C CYS B 251 1.43 -4.76 10.63
N HIS B 252 1.13 -3.92 9.63
CA HIS B 252 2.01 -3.64 8.49
C HIS B 252 2.19 -4.82 7.56
N ASN B 253 1.22 -5.74 7.51
CA ASN B 253 1.27 -6.84 6.57
C ASN B 253 0.80 -6.36 5.20
N VAL B 254 1.14 -7.15 4.18
CA VAL B 254 0.81 -6.84 2.78
C VAL B 254 0.12 -8.07 2.19
N LEU B 255 -1.12 -7.90 1.70
CA LEU B 255 -1.92 -8.98 1.10
C LEU B 255 -2.26 -8.54 -0.32
N ARG B 256 -1.64 -9.20 -1.30
CA ARG B 256 -1.63 -8.71 -2.68
C ARG B 256 -1.89 -9.82 -3.69
N ARG B 257 -2.80 -9.56 -4.63
CA ARG B 257 -2.97 -10.41 -5.82
C ARG B 257 -3.35 -11.85 -5.50
N ASN B 258 -4.09 -12.04 -4.42
CA ASN B 258 -4.61 -13.36 -4.10
C ASN B 258 -6.00 -13.51 -4.73
N LEU B 259 -6.39 -14.76 -4.99
CA LEU B 259 -7.69 -15.09 -5.57
C LEU B 259 -8.46 -15.93 -4.55
N PHE B 260 -9.67 -15.49 -4.21
CA PHE B 260 -10.57 -16.17 -3.27
C PHE B 260 -11.77 -16.67 -4.07
N TYR B 261 -11.79 -17.98 -4.34
CA TYR B 261 -12.74 -18.59 -5.26
C TYR B 261 -13.68 -19.51 -4.50
N GLU B 262 -14.99 -19.22 -4.56
CA GLU B 262 -16.02 -20.06 -3.94
C GLU B 262 -15.72 -20.36 -2.47
N SER B 263 -15.14 -19.39 -1.76
CA SER B 263 -14.71 -19.58 -0.37
C SER B 263 -15.63 -18.85 0.61
N ALA B 264 -16.25 -19.62 1.51
CA ALA B 264 -17.27 -19.11 2.43
C ALA B 264 -16.67 -18.40 3.65
N GLY B 265 -15.92 -17.34 3.37
CA GLY B 265 -15.42 -16.43 4.40
C GLY B 265 -14.82 -15.22 3.72
N GLY B 266 -14.07 -14.42 4.49
CA GLY B 266 -13.50 -13.19 3.98
C GLY B 266 -12.04 -12.99 4.35
N LEU B 267 -11.51 -11.87 3.84
CA LEU B 267 -10.20 -11.35 4.20
C LEU B 267 -10.47 -10.32 5.30
N VAL B 268 -10.03 -10.62 6.53
CA VAL B 268 -10.47 -9.88 7.71
C VAL B 268 -9.29 -9.19 8.38
N CYS B 269 -9.36 -7.86 8.46
CA CYS B 269 -8.41 -7.04 9.21
C CYS B 269 -8.90 -7.02 10.66
N ARG B 270 -8.66 -8.14 11.37
CA ARG B 270 -9.33 -8.35 12.65
C ARG B 270 -8.68 -7.57 13.80
N HIS B 271 -7.35 -7.67 13.94
CA HIS B 271 -6.61 -6.88 14.91
C HIS B 271 -5.36 -6.33 14.23
N GLY B 272 -4.79 -5.27 14.80
CA GLY B 272 -3.60 -4.64 14.23
C GLY B 272 -3.93 -3.63 13.14
N HIS B 273 -2.90 -2.86 12.76
CA HIS B 273 -3.05 -1.61 12.03
C HIS B 273 -2.12 -1.55 10.82
N TYR B 274 -2.47 -0.67 9.88
CA TYR B 274 -1.60 -0.29 8.76
C TYR B 274 -1.38 -1.45 7.79
N ASN B 275 -2.38 -2.32 7.62
CA ASN B 275 -2.30 -3.38 6.63
C ASN B 275 -2.59 -2.86 5.22
N VAL B 276 -1.84 -3.39 4.25
CA VAL B 276 -1.90 -2.93 2.85
C VAL B 276 -2.51 -4.06 2.02
N ILE B 277 -3.67 -3.77 1.41
N ILE B 277 -3.68 -3.79 1.43
CA ILE B 277 -4.53 -4.76 0.77
CA ILE B 277 -4.49 -4.80 0.77
C ILE B 277 -4.68 -4.34 -0.69
C ILE B 277 -4.66 -4.35 -0.68
N GLU B 278 -3.93 -4.98 -1.59
CA GLU B 278 -3.81 -4.54 -2.98
C GLU B 278 -4.17 -5.61 -4.00
N SER B 279 -5.09 -5.30 -4.89
CA SER B 279 -5.28 -6.05 -6.14
C SER B 279 -5.68 -7.49 -5.92
N ASN B 280 -6.37 -7.79 -4.82
CA ASN B 280 -6.95 -9.12 -4.63
C ASN B 280 -8.25 -9.24 -5.43
N THR B 281 -8.68 -10.49 -5.66
CA THR B 281 -9.84 -10.81 -6.48
C THR B 281 -10.67 -11.87 -5.75
N PHE B 282 -11.99 -11.66 -5.66
CA PHE B 282 -12.91 -12.56 -4.99
C PHE B 282 -13.99 -12.93 -6.00
N ILE B 283 -14.15 -14.23 -6.27
CA ILE B 283 -15.14 -14.80 -7.20
C ILE B 283 -16.01 -15.72 -6.37
N GLY B 284 -17.14 -15.21 -5.88
CA GLY B 284 -17.98 -15.95 -4.95
C GLY B 284 -18.99 -16.90 -5.54
N HIS B 285 -19.40 -16.71 -6.81
CA HIS B 285 -20.47 -17.49 -7.42
C HIS B 285 -21.74 -17.50 -6.58
N ASN B 286 -21.97 -16.42 -5.83
CA ASN B 286 -23.17 -16.25 -5.00
C ASN B 286 -23.34 -17.37 -3.97
N LEU B 287 -22.25 -18.00 -3.54
CA LEU B 287 -22.39 -19.14 -2.66
C LEU B 287 -22.50 -18.70 -1.19
N ARG B 288 -23.17 -19.53 -0.41
CA ARG B 288 -23.39 -19.31 1.01
C ARG B 288 -22.10 -18.89 1.70
N GLY B 289 -22.17 -17.79 2.45
CA GLY B 289 -21.08 -17.38 3.30
C GLY B 289 -19.91 -16.66 2.64
N THR B 290 -19.87 -16.59 1.30
CA THR B 290 -18.78 -15.89 0.64
C THR B 290 -18.76 -14.41 1.06
N ALA B 291 -17.54 -13.88 1.18
CA ALA B 291 -17.38 -12.50 1.64
C ALA B 291 -16.13 -11.87 1.04
N GLY B 292 -16.06 -10.54 1.16
CA GLY B 292 -14.97 -9.74 0.66
C GLY B 292 -14.04 -9.32 1.79
N ILE B 293 -13.99 -8.02 2.07
CA ILE B 293 -13.01 -7.44 2.99
C ILE B 293 -13.72 -6.85 4.21
N ARG B 294 -13.29 -7.24 5.41
CA ARG B 294 -13.85 -6.73 6.67
C ARG B 294 -12.82 -5.86 7.37
N ILE B 295 -13.21 -4.63 7.71
CA ILE B 295 -12.31 -3.60 8.24
C ILE B 295 -12.68 -3.27 9.68
N ILE B 296 -11.70 -3.53 10.58
CA ILE B 296 -11.62 -3.12 11.98
C ILE B 296 -10.24 -2.46 12.10
N ASN B 297 -10.03 -1.64 13.13
CA ASN B 297 -8.71 -1.05 13.41
C ASN B 297 -8.34 0.06 12.43
N GLN B 298 -7.10 0.55 12.50
CA GLN B 298 -6.78 1.78 11.81
C GLN B 298 -5.65 1.66 10.80
N GLY B 299 -5.62 2.64 9.88
CA GLY B 299 -4.43 2.95 9.11
C GLY B 299 -4.24 2.13 7.84
N HIS B 300 -5.19 1.27 7.49
CA HIS B 300 -5.04 0.41 6.33
C HIS B 300 -5.22 1.17 5.01
N THR B 301 -4.60 0.64 3.96
CA THR B 301 -4.75 1.12 2.59
C THR B 301 -5.31 -0.04 1.76
N VAL B 302 -6.47 0.16 1.12
CA VAL B 302 -7.26 -0.89 0.47
C VAL B 302 -7.49 -0.41 -0.97
N TYR B 303 -6.75 -1.00 -1.92
CA TYR B 303 -6.63 -0.46 -3.29
C TYR B 303 -6.74 -1.56 -4.34
N ASP B 304 -7.54 -1.32 -5.37
CA ASP B 304 -7.57 -2.14 -6.59
C ASP B 304 -8.08 -3.57 -6.36
N ASN B 305 -8.89 -3.78 -5.33
CA ASN B 305 -9.47 -5.10 -5.11
C ASN B 305 -10.77 -5.24 -5.88
N TYR B 306 -11.04 -6.46 -6.37
CA TYR B 306 -12.20 -6.74 -7.21
C TYR B 306 -13.02 -7.85 -6.56
N ILE B 307 -14.22 -7.51 -6.10
CA ILE B 307 -15.05 -8.40 -5.29
C ILE B 307 -16.34 -8.65 -6.05
N LYS B 308 -16.59 -9.93 -6.39
CA LYS B 308 -17.70 -10.30 -7.26
C LYS B 308 -18.55 -11.40 -6.64
N ASP B 309 -19.88 -11.17 -6.63
CA ASP B 309 -20.89 -12.20 -6.32
C ASP B 309 -20.63 -12.86 -4.97
N VAL B 310 -20.31 -12.07 -3.94
CA VAL B 310 -20.19 -12.59 -2.58
C VAL B 310 -21.47 -12.27 -1.82
N ARG B 311 -21.90 -13.19 -0.95
N ARG B 311 -21.90 -13.17 -0.94
CA ARG B 311 -23.23 -13.15 -0.36
CA ARG B 311 -23.25 -13.05 -0.38
C ARG B 311 -23.28 -12.50 1.02
C ARG B 311 -23.30 -12.52 1.04
N SER B 312 -22.23 -12.59 1.83
CA SER B 312 -22.29 -12.11 3.21
C SER B 312 -22.07 -10.60 3.33
N PHE B 313 -20.98 -10.11 2.80
CA PHE B 313 -20.71 -8.68 2.66
C PHE B 313 -19.61 -8.56 1.63
N GLY B 314 -19.60 -7.44 0.89
CA GLY B 314 -18.51 -7.11 0.00
C GLY B 314 -17.44 -6.32 0.74
N LEU B 315 -17.86 -5.23 1.39
CA LEU B 315 -17.05 -4.46 2.31
C LEU B 315 -17.86 -4.28 3.58
N LEU B 316 -17.24 -4.56 4.74
CA LEU B 316 -17.84 -4.23 6.03
C LEU B 316 -16.88 -3.33 6.80
N VAL B 317 -17.37 -2.18 7.28
CA VAL B 317 -16.58 -1.26 8.11
C VAL B 317 -17.27 -1.18 9.47
N ARG B 318 -16.62 -1.69 10.51
CA ARG B 318 -17.26 -1.91 11.81
C ARG B 318 -17.04 -0.76 12.78
N VAL B 319 -18.01 -0.57 13.69
CA VAL B 319 -17.75 0.24 14.88
C VAL B 319 -16.73 -0.47 15.75
N GLY B 320 -16.10 0.31 16.65
CA GLY B 320 -15.22 -0.27 17.66
C GLY B 320 -15.77 -0.13 19.06
N VAL B 321 -15.19 -0.89 19.99
CA VAL B 321 -15.50 -0.78 21.41
C VAL B 321 -14.50 0.12 22.11
N TYR B 322 -13.22 0.02 21.72
CA TYR B 322 -12.13 0.75 22.35
C TYR B 322 -11.34 1.55 21.31
N GLU B 323 -10.62 2.56 21.80
CA GLU B 323 -9.61 3.21 20.98
C GLU B 323 -8.40 2.29 20.85
N ARG B 324 -7.55 2.53 19.84
CA ARG B 324 -6.24 1.89 19.82
C ARG B 324 -5.51 2.15 21.14
N PRO B 325 -4.94 1.13 21.80
CA PRO B 325 -4.26 1.38 23.07
C PRO B 325 -2.98 2.19 22.88
N THR B 326 -2.64 2.96 23.91
CA THR B 326 -1.35 3.60 24.02
C THR B 326 -0.53 2.92 25.10
N ALA B 327 0.66 3.47 25.38
CA ALA B 327 1.52 2.90 26.39
C ALA B 327 0.88 2.93 27.77
N GLU B 328 -0.02 3.87 28.01
CA GLU B 328 -0.64 4.01 29.32
C GLU B 328 -1.90 3.16 29.47
N THR B 329 -2.36 2.52 28.41
CA THR B 329 -3.59 1.76 28.46
C THR B 329 -3.36 0.44 29.18
N ASP B 330 -4.25 0.10 30.11
CA ASP B 330 -4.27 -1.20 30.76
C ASP B 330 -5.08 -2.16 29.87
N VAL B 331 -4.40 -3.06 29.16
CA VAL B 331 -5.05 -3.96 28.20
C VAL B 331 -5.76 -5.12 28.88
N LYS B 332 -5.74 -5.20 30.22
CA LYS B 332 -6.66 -6.10 30.91
C LYS B 332 -8.02 -5.43 31.12
N LEU B 333 -8.05 -4.10 31.19
CA LEU B 333 -9.31 -3.37 31.25
C LEU B 333 -9.87 -3.04 29.87
N GLU B 334 -9.01 -2.92 28.85
CA GLU B 334 -9.42 -2.68 27.45
C GLU B 334 -8.81 -3.81 26.62
N PRO B 335 -9.49 -4.96 26.54
CA PRO B 335 -8.81 -6.16 26.00
C PRO B 335 -8.49 -6.07 24.52
N LEU B 336 -7.32 -6.62 24.17
CA LEU B 336 -6.93 -6.70 22.77
C LEU B 336 -7.79 -7.67 21.97
N THR B 337 -8.52 -8.57 22.64
CA THR B 337 -9.45 -9.46 21.95
C THR B 337 -10.74 -8.77 21.51
N SER B 338 -10.96 -7.50 21.87
CA SER B 338 -12.17 -6.76 21.52
C SER B 338 -12.06 -6.17 20.11
N TYR B 339 -12.74 -5.06 19.86
CA TYR B 339 -12.77 -4.38 18.56
C TYR B 339 -12.32 -2.94 18.75
N HIS B 340 -11.46 -2.48 17.85
CA HIS B 340 -10.86 -1.16 17.97
C HIS B 340 -11.28 -0.27 16.80
N ARG B 341 -11.45 1.02 17.12
CA ARG B 341 -12.02 1.99 16.19
C ARG B 341 -11.35 1.96 14.83
N VAL B 342 -12.17 2.01 13.78
CA VAL B 342 -11.68 2.22 12.43
C VAL B 342 -11.38 3.70 12.23
N GLU B 343 -10.12 4.02 11.94
CA GLU B 343 -9.80 5.39 11.56
C GLU B 343 -8.64 5.41 10.57
N ASN B 344 -8.64 6.44 9.73
CA ASN B 344 -7.55 6.71 8.81
C ASN B 344 -7.36 5.57 7.80
N VAL B 345 -8.44 5.15 7.19
CA VAL B 345 -8.45 4.02 6.24
C VAL B 345 -8.79 4.58 4.86
N ASP B 346 -7.96 4.26 3.86
CA ASP B 346 -8.15 4.70 2.48
C ASP B 346 -8.67 3.52 1.65
N ILE B 347 -9.87 3.65 1.09
CA ILE B 347 -10.55 2.60 0.32
C ILE B 347 -10.75 3.18 -1.08
N ALA B 348 -9.84 2.85 -2.01
CA ALA B 348 -9.80 3.51 -3.30
C ALA B 348 -9.65 2.57 -4.49
N TYR B 349 -10.38 2.86 -5.57
CA TYR B 349 -10.20 2.18 -6.85
C TYR B 349 -10.47 0.69 -6.77
N ASN B 350 -11.42 0.29 -5.91
CA ASN B 350 -11.89 -1.08 -5.83
C ASN B 350 -13.17 -1.25 -6.66
N THR B 351 -13.56 -2.51 -6.89
CA THR B 351 -14.80 -2.86 -7.56
C THR B 351 -15.60 -3.82 -6.69
N PHE B 352 -16.88 -3.48 -6.48
CA PHE B 352 -17.85 -4.28 -5.72
C PHE B 352 -19.00 -4.58 -6.67
N LEU B 353 -19.00 -5.80 -7.22
CA LEU B 353 -19.89 -6.23 -8.29
C LEU B 353 -20.84 -7.25 -7.68
N ASN B 354 -22.13 -6.92 -7.62
CA ASN B 354 -23.11 -7.74 -6.90
C ASN B 354 -22.60 -8.19 -5.53
N SER B 355 -22.04 -7.23 -4.81
CA SER B 355 -21.41 -7.43 -3.49
C SER B 355 -21.69 -6.18 -2.67
N SER B 356 -22.15 -6.38 -1.44
CA SER B 356 -22.70 -5.29 -0.65
C SER B 356 -21.65 -4.38 -0.02
N LEU B 357 -22.12 -3.21 0.40
CA LEU B 357 -21.35 -2.30 1.25
C LEU B 357 -22.13 -2.17 2.56
N GLU B 358 -21.47 -2.45 3.68
CA GLU B 358 -22.12 -2.42 5.00
C GLU B 358 -21.26 -1.54 5.90
N LEU B 359 -21.77 -0.36 6.27
CA LEU B 359 -20.95 0.66 6.95
C LEU B 359 -21.57 1.00 8.30
N GLY B 360 -20.80 0.79 9.37
CA GLY B 360 -21.21 1.20 10.70
C GLY B 360 -21.89 0.16 11.57
N SER B 361 -21.91 -1.10 11.15
CA SER B 361 -22.50 -2.17 11.93
C SER B 361 -21.55 -2.58 13.06
N GLY B 362 -22.06 -3.41 13.96
CA GLY B 362 -21.31 -3.94 15.09
C GLY B 362 -21.74 -3.31 16.39
N ARG B 363 -21.18 -3.86 17.48
N ARG B 363 -21.17 -3.86 17.48
N ARG B 363 -21.17 -3.86 17.48
CA ARG B 363 -21.45 -3.36 18.82
CA ARG B 363 -21.44 -3.37 18.82
CA ARG B 363 -21.42 -3.37 18.82
C ARG B 363 -20.31 -2.46 19.26
C ARG B 363 -20.31 -2.46 19.26
C ARG B 363 -20.28 -2.44 19.24
N GLY B 364 -20.65 -1.31 19.83
CA GLY B 364 -19.66 -0.37 20.31
C GLY B 364 -20.00 1.08 20.00
N GLU B 365 -19.33 2.01 20.67
CA GLU B 365 -19.64 3.42 20.53
C GLU B 365 -18.55 4.20 19.81
N LYS B 366 -17.52 3.52 19.32
CA LYS B 366 -16.44 4.21 18.61
C LYS B 366 -16.75 4.15 17.12
N MET B 367 -17.34 5.23 16.58
CA MET B 367 -17.73 5.26 15.18
C MET B 367 -16.51 5.34 14.28
N PRO B 368 -16.60 4.84 13.05
CA PRO B 368 -15.49 5.05 12.10
C PRO B 368 -15.22 6.54 11.88
N ARG B 369 -13.95 6.87 11.70
N ARG B 369 -13.94 6.88 11.72
CA ARG B 369 -13.54 8.26 11.48
CA ARG B 369 -13.52 8.27 11.50
C ARG B 369 -12.46 8.30 10.41
C ARG B 369 -12.46 8.30 10.41
N ASN B 370 -12.51 9.31 9.55
CA ASN B 370 -11.47 9.48 8.52
C ASN B 370 -11.31 8.23 7.68
N VAL B 371 -12.44 7.70 7.22
CA VAL B 371 -12.45 6.68 6.18
C VAL B 371 -12.76 7.36 4.85
N ARG B 372 -11.88 7.19 3.86
CA ARG B 372 -12.09 7.74 2.53
C ARG B 372 -12.56 6.60 1.64
N PHE B 373 -13.70 6.78 0.98
CA PHE B 373 -14.26 5.80 0.03
C PHE B 373 -14.33 6.54 -1.29
N ALA B 374 -13.32 6.34 -2.16
CA ALA B 374 -13.15 7.13 -3.37
C ALA B 374 -12.86 6.29 -4.60
N HIS B 375 -13.48 6.65 -5.73
CA HIS B 375 -13.16 6.06 -7.02
C HIS B 375 -13.45 4.56 -7.07
N ASN B 376 -14.41 4.11 -6.29
CA ASN B 376 -14.81 2.70 -6.33
C ASN B 376 -15.99 2.51 -7.26
N LEU B 377 -16.05 1.35 -7.94
CA LEU B 377 -17.19 0.96 -8.77
C LEU B 377 -18.13 0.08 -7.92
N PHE B 378 -19.37 0.51 -7.79
CA PHE B 378 -20.43 -0.24 -7.10
C PHE B 378 -21.45 -0.56 -8.17
N ALA B 379 -21.59 -1.84 -8.52
CA ALA B 379 -22.31 -2.23 -9.72
C ALA B 379 -23.01 -3.57 -9.50
N GLY B 380 -23.99 -3.84 -10.33
CA GLY B 380 -24.70 -5.12 -10.33
C GLY B 380 -26.12 -4.95 -10.84
N GLN B 381 -27.02 -5.77 -10.30
CA GLN B 381 -28.43 -5.74 -10.66
C GLN B 381 -29.19 -4.83 -9.69
N THR B 382 -29.20 -5.19 -8.40
CA THR B 382 -29.84 -4.42 -7.35
C THR B 382 -28.79 -4.03 -6.31
N PRO B 383 -28.73 -2.77 -5.88
CA PRO B 383 -27.72 -2.39 -4.88
C PRO B 383 -28.08 -2.89 -3.49
N ASP B 384 -27.06 -3.33 -2.77
CA ASP B 384 -27.17 -3.73 -1.36
C ASP B 384 -26.24 -2.82 -0.57
N LEU B 385 -26.81 -1.71 -0.07
CA LEU B 385 -26.05 -0.69 0.67
C LEU B 385 -26.72 -0.57 2.02
N LYS B 386 -25.96 -0.81 3.09
CA LYS B 386 -26.47 -0.75 4.45
C LYS B 386 -25.64 0.27 5.24
N ILE B 387 -26.30 1.32 5.73
N ILE B 387 -26.30 1.30 5.76
CA ILE B 387 -25.70 2.31 6.62
CA ILE B 387 -25.67 2.28 6.63
C ILE B 387 -26.38 2.21 7.97
C ILE B 387 -26.37 2.24 7.98
N VAL B 388 -25.58 2.08 9.03
CA VAL B 388 -26.08 1.96 10.40
C VAL B 388 -25.68 3.21 11.17
N ARG B 389 -26.56 3.68 12.05
CA ARG B 389 -26.31 4.91 12.83
C ARG B 389 -25.80 6.03 11.93
N ALA B 390 -26.54 6.28 10.84
CA ALA B 390 -26.05 7.14 9.77
C ALA B 390 -25.61 8.51 10.27
N ASP B 391 -26.42 9.16 11.11
CA ASP B 391 -26.07 10.55 11.48
C ASP B 391 -24.81 10.63 12.34
N GLU B 392 -24.36 9.51 12.91
CA GLU B 392 -23.10 9.45 13.64
C GLU B 392 -21.97 8.84 12.84
N VAL B 393 -22.29 8.01 11.84
CA VAL B 393 -21.27 7.28 11.08
C VAL B 393 -20.88 8.04 9.82
N LEU B 394 -21.84 8.62 9.12
CA LEU B 394 -21.52 9.31 7.87
C LEU B 394 -20.55 10.46 8.04
N PRO B 395 -20.58 11.25 9.11
CA PRO B 395 -19.56 12.29 9.26
C PRO B 395 -18.14 11.74 9.27
N GLY B 396 -17.96 10.46 9.52
CA GLY B 396 -16.65 9.84 9.51
C GLY B 396 -16.17 9.35 8.16
N PHE B 397 -16.98 9.53 7.10
CA PHE B 397 -16.64 9.08 5.75
C PHE B 397 -16.55 10.28 4.80
N LEU B 398 -15.61 10.22 3.87
CA LEU B 398 -15.58 11.07 2.68
C LEU B 398 -15.87 10.16 1.50
N PHE B 399 -17.04 10.33 0.89
CA PHE B 399 -17.43 9.60 -0.32
C PHE B 399 -17.13 10.50 -1.51
N LEU B 400 -16.21 10.08 -2.39
CA LEU B 400 -15.75 10.94 -3.47
C LEU B 400 -15.60 10.19 -4.79
N ASP B 401 -16.35 10.66 -5.80
CA ASP B 401 -16.17 10.21 -7.18
C ASP B 401 -16.25 8.69 -7.33
N ASN B 402 -17.19 8.06 -6.64
CA ASN B 402 -17.50 6.67 -6.89
C ASN B 402 -18.50 6.55 -8.04
N GLU B 403 -18.56 5.36 -8.62
CA GLU B 403 -19.42 5.06 -9.75
C GLU B 403 -20.49 4.05 -9.35
N TRP B 404 -21.71 4.28 -9.87
CA TRP B 404 -22.92 3.54 -9.54
C TRP B 404 -23.50 2.99 -10.83
N ALA B 405 -23.57 1.66 -10.97
CA ALA B 405 -24.07 1.06 -12.21
C ALA B 405 -24.92 -0.16 -11.86
N PHE B 406 -26.23 0.03 -11.78
CA PHE B 406 -27.17 -1.03 -11.47
C PHE B 406 -28.25 -1.09 -12.53
N SER B 407 -28.66 -2.31 -12.86
CA SER B 407 -29.78 -2.53 -13.78
C SER B 407 -31.02 -1.78 -13.32
N LEU B 412 -30.37 5.27 -7.22
CA LEU B 412 -29.57 6.20 -6.37
C LEU B 412 -30.42 7.31 -5.71
N SER B 413 -31.38 7.84 -6.46
CA SER B 413 -32.26 8.86 -5.91
C SER B 413 -33.06 8.37 -4.71
N SER B 414 -33.24 7.07 -4.55
CA SER B 414 -33.99 6.52 -3.43
C SER B 414 -33.13 6.26 -2.19
N VAL B 415 -31.83 6.50 -2.28
CA VAL B 415 -30.96 6.45 -1.11
C VAL B 415 -31.27 7.64 -0.22
N SER B 416 -31.36 7.41 1.09
CA SER B 416 -31.90 8.44 1.96
C SER B 416 -30.91 9.53 2.33
N TYR B 417 -29.61 9.33 2.11
CA TYR B 417 -28.57 10.21 2.63
C TYR B 417 -27.93 11.03 1.53
N GLU B 418 -28.12 12.35 1.59
CA GLU B 418 -27.55 13.23 0.59
C GLU B 418 -26.05 13.04 0.45
N GLN B 419 -25.34 12.84 1.56
CA GLN B 419 -23.89 12.72 1.50
C GLN B 419 -23.48 11.52 0.65
N VAL B 420 -24.26 10.43 0.72
CA VAL B 420 -23.98 9.25 -0.11
C VAL B 420 -24.34 9.52 -1.56
N ARG B 421 -25.52 10.11 -1.80
CA ARG B 421 -25.94 10.45 -3.16
C ARG B 421 -24.90 11.29 -3.86
N GLU B 422 -24.34 12.28 -3.16
CA GLU B 422 -23.39 13.19 -3.78
C GLU B 422 -22.02 12.57 -3.96
N GLY B 423 -21.75 11.43 -3.34
CA GLY B 423 -20.51 10.69 -3.46
C GLY B 423 -20.46 9.65 -4.54
N PHE B 424 -21.54 9.46 -5.28
CA PHE B 424 -21.61 8.49 -6.36
C PHE B 424 -22.23 9.17 -7.58
N LYS B 425 -21.82 8.73 -8.78
CA LYS B 425 -22.40 9.21 -10.03
C LYS B 425 -22.87 7.96 -10.83
N PRO B 426 -24.11 7.94 -11.30
CA PRO B 426 -24.50 6.85 -12.22
C PRO B 426 -23.67 6.89 -13.49
N VAL B 427 -23.22 5.71 -13.92
CA VAL B 427 -22.42 5.53 -15.13
C VAL B 427 -23.02 4.41 -15.98
N ASP B 428 -22.62 4.40 -17.25
CA ASP B 428 -22.95 3.29 -18.14
C ASP B 428 -22.47 1.98 -17.53
N MET B 429 -23.16 0.90 -17.81
N MET B 429 -23.18 0.89 -17.78
CA MET B 429 -22.73 -0.40 -17.28
CA MET B 429 -22.72 -0.38 -17.23
C MET B 429 -21.36 -0.73 -17.84
C MET B 429 -21.36 -0.71 -17.83
N PRO B 430 -20.33 -0.95 -17.02
CA PRO B 430 -18.98 -1.17 -17.57
C PRO B 430 -18.97 -2.39 -18.49
N ASP B 431 -18.25 -2.26 -19.60
CA ASP B 431 -18.17 -3.29 -20.62
C ASP B 431 -16.86 -4.07 -20.57
N GLY B 432 -15.97 -3.74 -19.64
CA GLY B 432 -14.68 -4.39 -19.58
C GLY B 432 -14.48 -5.32 -18.41
N LEU B 433 -15.57 -5.69 -17.73
CA LEU B 433 -15.46 -6.50 -16.52
C LEU B 433 -14.97 -7.91 -16.80
N ASN B 434 -15.49 -8.56 -17.84
CA ASN B 434 -15.05 -9.93 -18.09
C ASN B 434 -13.57 -10.00 -18.43
N GLN B 435 -13.07 -9.03 -19.19
CA GLN B 435 -11.63 -8.99 -19.49
C GLN B 435 -10.80 -8.73 -18.23
N GLU B 436 -11.28 -7.84 -17.36
CA GLU B 436 -10.57 -7.57 -16.10
C GLU B 436 -10.47 -8.82 -15.25
N GLU B 437 -11.60 -9.53 -15.11
CA GLU B 437 -11.60 -10.79 -14.37
C GLU B 437 -10.65 -11.80 -15.00
N LYS B 438 -10.68 -11.91 -16.32
CA LYS B 438 -9.84 -12.90 -16.98
C LYS B 438 -8.36 -12.61 -16.71
N GLU B 439 -7.95 -11.35 -16.81
CA GLU B 439 -6.54 -11.00 -16.54
C GLU B 439 -6.14 -11.39 -15.13
N ARG B 440 -7.02 -11.12 -14.15
CA ARG B 440 -6.68 -11.40 -12.75
C ARG B 440 -6.61 -12.89 -12.49
N ILE B 441 -7.57 -13.67 -13.00
CA ILE B 441 -7.56 -15.11 -12.78
C ILE B 441 -6.38 -15.74 -13.51
N ASP B 442 -6.18 -15.36 -14.78
CA ASP B 442 -5.07 -15.91 -15.55
C ASP B 442 -3.73 -15.65 -14.86
N ALA B 443 -3.56 -14.47 -14.25
CA ALA B 443 -2.30 -14.14 -13.61
C ALA B 443 -2.02 -15.00 -12.39
N CYS B 444 -3.06 -15.53 -11.74
CA CYS B 444 -2.93 -16.25 -10.48
C CYS B 444 -2.85 -17.76 -10.68
N ILE B 445 -3.71 -18.35 -11.52
CA ILE B 445 -3.95 -19.78 -11.34
C ILE B 445 -2.97 -20.71 -12.04
N PHE B 446 -2.20 -20.21 -13.00
CA PHE B 446 -1.38 -21.08 -13.83
C PHE B 446 0.06 -21.13 -13.34
N THR B 447 0.36 -20.48 -12.23
CA THR B 447 1.70 -20.46 -11.65
C THR B 447 1.67 -20.86 -10.18
N VAL B 448 0.59 -21.47 -9.71
CA VAL B 448 0.45 -21.82 -8.32
C VAL B 448 0.63 -23.31 -8.11
N GLY B 449 1.16 -23.65 -6.94
CA GLY B 449 1.12 -25.00 -6.45
C GLY B 449 2.18 -25.91 -7.02
N PRO B 450 2.24 -27.18 -6.52
CA PRO B 450 3.17 -28.17 -7.06
C PRO B 450 2.57 -28.92 -8.25
N THR B 451 3.24 -28.86 -9.40
CA THR B 451 2.70 -29.40 -10.63
C THR B 451 2.60 -30.92 -10.62
N TRP B 452 3.30 -31.61 -9.72
CA TRP B 452 3.23 -33.06 -9.67
C TRP B 452 2.00 -33.61 -8.98
N HIS B 453 1.21 -32.78 -8.32
CA HIS B 453 0.08 -33.25 -7.55
C HIS B 453 -1.20 -33.17 -8.38
N LYS B 454 -1.81 -34.32 -8.65
CA LYS B 454 -2.92 -34.38 -9.59
C LYS B 454 -4.07 -33.46 -9.16
N ALA B 455 -4.37 -33.43 -7.87
CA ALA B 455 -5.51 -32.62 -7.41
C ALA B 455 -5.24 -31.13 -7.62
N LEU B 456 -4.00 -30.69 -7.52
CA LEU B 456 -3.69 -29.30 -7.86
C LEU B 456 -4.08 -29.03 -9.31
N LYS B 457 -3.63 -29.89 -10.23
CA LYS B 457 -3.95 -29.69 -11.64
C LYS B 457 -5.45 -29.73 -11.88
N GLU B 458 -6.17 -30.66 -11.23
CA GLU B 458 -7.60 -30.77 -11.43
C GLU B 458 -8.34 -29.53 -10.92
N ASN B 459 -7.99 -29.02 -9.73
CA ASN B 459 -8.71 -27.89 -9.18
C ASN B 459 -8.37 -26.60 -9.94
N VAL B 460 -7.13 -26.45 -10.39
CA VAL B 460 -6.80 -25.33 -11.28
C VAL B 460 -7.64 -25.40 -12.55
N ASN B 461 -7.73 -26.58 -13.16
CA ASN B 461 -8.55 -26.72 -14.36
C ASN B 461 -10.00 -26.37 -14.08
N HIS B 462 -10.50 -26.72 -12.90
CA HIS B 462 -11.87 -26.37 -12.57
C HIS B 462 -12.07 -24.85 -12.57
N ILE B 463 -11.19 -24.11 -11.92
CA ILE B 463 -11.29 -22.65 -11.95
C ILE B 463 -11.23 -22.14 -13.39
N ASP B 464 -10.25 -22.61 -14.15
CA ASP B 464 -10.08 -22.17 -15.53
C ASP B 464 -11.35 -22.33 -16.34
N THR B 465 -12.09 -23.41 -16.11
CA THR B 465 -13.28 -23.71 -16.90
C THR B 465 -14.58 -23.32 -16.23
N ASN B 466 -14.53 -22.70 -15.04
CA ASN B 466 -15.73 -22.25 -14.31
C ASN B 466 -15.42 -20.88 -13.71
N ARG B 467 -15.31 -19.88 -14.56
N ARG B 467 -15.32 -19.90 -14.59
CA ARG B 467 -14.89 -18.57 -14.08
CA ARG B 467 -14.96 -18.55 -14.26
C ARG B 467 -16.05 -17.74 -13.54
C ARG B 467 -16.06 -17.80 -13.52
#